data_3L4U
#
_entry.id   3L4U
#
_cell.length_a   88.865
_cell.length_b   109.866
_cell.length_c   109.838
_cell.angle_alpha   90.000
_cell.angle_beta   90.000
_cell.angle_gamma   90.000
#
_symmetry.space_group_name_H-M   'P 21 21 21'
#
loop_
_entity.id
_entity.type
_entity.pdbx_description
1 polymer 'Maltase-glucoamylase, intestinal'
2 branched 2-acetamido-2-deoxy-beta-D-glucopyranose-(1-4)-2-acetamido-2-deoxy-beta-D-glucopyranose
3 non-polymer '(2R,3S,4S)-1-[(2S,3S,4R,5R,6S)-2,3,4,5,6,7-hexahydroxyheptyl]-3,4-dihydroxy-2-(hydroxymethyl)tetrahydrothiophenium (non-preferred name)'
4 non-polymer 2-acetamido-2-deoxy-beta-D-glucopyranose
5 non-polymer 'SULFATE ION'
6 water water
#
_entity_poly.entity_id   1
_entity_poly.type   'polypeptide(L)'
_entity_poly.pdbx_seq_one_letter_code
;SAECPVVNELERINCIPDQPPTKATCDQRGCCWNPQGAVSVPWCYYSKNHSYHVEGNLVNTNAGFTARLKNLPSSPVFGS
NVDNVLLTAEYQTSNRFHFKLTDQTNNRFEVPHEHVQSFSGNAAASLTYQVEISRQPFSIKVTRRSNNRVLFDSSIGPLL
FADQFLQLSTRLPSTNVYGLGEHVHQQYRHDMNWKTWPIFNRDTTPNGNGTNLYGAQTFFLCLEDASGLSFGVFLMNSNA
MEVVLQPAPAITYRTIGGILDFYVFLGNTPEQVVQEYLELIGRPALPSYWALGFHLSRYEYGTLDNMREVVERNRAAQLP
YDVQHADIDYMDERRDFTYDSVDFKGFPEFVNELHNNGQKLVIIVDPAISNNSSSSKPYGPYDRGSDMKIWVNSSDGVTP
LIGEVWPGQTVFPDYTNPNCAVWWTKEFELFHNQVEFDGIWIDMNEVSNFVDGSVSGCSTNNLNNPPFTPRILDGYLFCK
TLCMDAVQHWGKQYDIHNLYGYSMAVATAEAAKTVFPNKRSFILTRSTFAGSGKFAAHWLGDNTATWDDLRWSIPGVLEF
NLFGIPMVGPDICGFALDTPEELCRRWMQLGAFYPFSRNHNGQGYKDQDPASFGADSLLLNSSRHYLNIRYTLLPYLYTL
FFRAHSRGDTVARPLLHEFYEDNSTWDVHQQFLWGPGLLITPVLDEGAEKVMAYVPDAVWYDYETGSQVRWRKQKVEMEL
PGDKIGLHLRGGYIFPTQQPNTTTLASRKNPLGLIIALDENKEAKGELFWDDGETKDTVANKVYLLCEFSVTQNRLEVNI
SQSTYKDPNNLAFNEIKILGTEEPSNVTVKHNGVPSQTSPTVTYDSNLKVAIITDIDLLLGEAYTVEWAHHHHHH
;
_entity_poly.pdbx_strand_id   A
#
# COMPACT_ATOMS: atom_id res chain seq x y z
N VAL A 7 -28.44 -9.02 23.61
CA VAL A 7 -29.31 -10.25 23.47
C VAL A 7 -28.88 -11.10 22.25
N ASN A 8 -29.41 -10.83 21.04
CA ASN A 8 -29.04 -11.56 19.79
C ASN A 8 -27.57 -11.97 19.89
N GLU A 9 -27.29 -13.26 19.75
CA GLU A 9 -25.95 -13.75 20.05
C GLU A 9 -24.87 -13.16 19.13
N LEU A 10 -25.26 -12.80 17.89
CA LEU A 10 -24.32 -12.23 16.93
C LEU A 10 -23.88 -10.84 17.34
N GLU A 11 -24.61 -10.24 18.29
CA GLU A 11 -24.36 -8.86 18.74
C GLU A 11 -23.66 -8.79 20.09
N ARG A 12 -23.36 -9.96 20.67
CA ARG A 12 -22.67 -9.96 21.98
C ARG A 12 -21.23 -9.48 21.87
N ILE A 13 -20.84 -8.54 22.72
CA ILE A 13 -19.49 -7.99 22.73
C ILE A 13 -18.72 -8.70 23.86
N ASN A 14 -17.62 -9.39 23.50
CA ASN A 14 -16.91 -10.30 24.39
C ASN A 14 -16.29 -9.57 25.58
N CYS A 15 -16.68 -10.00 26.78
CA CYS A 15 -16.19 -9.40 28.04
C CYS A 15 -14.96 -10.15 28.60
N ILE A 16 -14.64 -11.29 28.02
CA ILE A 16 -13.46 -12.03 28.45
C ILE A 16 -12.56 -12.34 27.24
N PRO A 17 -11.87 -11.33 26.70
CA PRO A 17 -11.08 -11.59 25.50
C PRO A 17 -9.72 -12.22 25.84
N ASP A 18 -9.43 -12.36 27.14
CA ASP A 18 -8.10 -12.60 27.65
C ASP A 18 -7.83 -14.02 28.18
N GLN A 19 -8.85 -14.89 28.19
CA GLN A 19 -8.75 -16.24 28.81
C GLN A 19 -10.01 -17.06 28.47
N PRO A 20 -9.99 -18.42 28.65
CA PRO A 20 -11.29 -19.12 28.42
C PRO A 20 -12.36 -18.68 29.43
N PRO A 21 -13.62 -18.58 28.98
CA PRO A 21 -14.60 -17.89 29.79
C PRO A 21 -15.09 -18.71 30.99
N THR A 22 -15.18 -18.07 32.15
CA THR A 22 -15.73 -18.71 33.35
C THR A 22 -16.78 -17.84 34.00
N LYS A 23 -17.78 -18.43 34.60
CA LYS A 23 -18.81 -17.64 35.26
C LYS A 23 -18.24 -16.84 36.42
N ALA A 24 -17.21 -17.34 37.09
CA ALA A 24 -16.60 -16.59 38.20
C ALA A 24 -15.98 -15.29 37.73
N THR A 25 -15.26 -15.33 36.60
CA THR A 25 -14.64 -14.11 36.06
C THR A 25 -15.75 -13.20 35.52
N CYS A 26 -16.76 -13.81 34.90
CA CYS A 26 -17.89 -13.04 34.35
C CYS A 26 -18.55 -12.22 35.46
N ASP A 27 -18.83 -12.90 36.57
CA ASP A 27 -19.45 -12.24 37.73
C ASP A 27 -18.56 -11.17 38.29
N GLN A 28 -17.27 -11.44 38.45
CA GLN A 28 -16.34 -10.43 38.95
C GLN A 28 -16.34 -9.16 38.11
N ARG A 29 -16.46 -9.31 36.79
CA ARG A 29 -16.42 -8.19 35.87
C ARG A 29 -17.79 -7.52 35.68
N GLY A 30 -18.85 -8.10 36.26
CA GLY A 30 -20.21 -7.55 36.13
C GLY A 30 -20.81 -7.72 34.73
N CYS A 31 -20.39 -8.77 34.03
CA CYS A 31 -20.89 -9.01 32.68
C CYS A 31 -22.00 -10.04 32.67
N CYS A 32 -22.54 -10.33 31.49
CA CYS A 32 -23.64 -11.26 31.35
C CYS A 32 -23.14 -12.64 30.93
N TRP A 33 -23.74 -13.70 31.46
CA TRP A 33 -23.29 -15.07 31.24
C TRP A 33 -24.35 -15.88 30.50
N ASN A 34 -23.95 -16.55 29.44
CA ASN A 34 -24.86 -17.38 28.69
C ASN A 34 -24.03 -18.31 27.86
N PRO A 35 -23.67 -19.48 28.43
CA PRO A 35 -22.82 -20.42 27.71
C PRO A 35 -23.55 -21.13 26.56
N GLN A 36 -24.77 -20.72 26.25
CA GLN A 36 -25.41 -21.18 25.02
C GLN A 36 -24.93 -20.30 23.85
N GLY A 37 -24.69 -20.96 22.71
CA GLY A 37 -24.32 -20.26 21.47
C GLY A 37 -23.49 -21.16 20.57
N ALA A 38 -23.37 -20.79 19.30
CA ALA A 38 -22.51 -21.52 18.37
C ALA A 38 -21.02 -21.29 18.69
N VAL A 39 -20.14 -22.01 17.98
CA VAL A 39 -18.71 -21.80 18.07
C VAL A 39 -18.39 -20.29 18.03
N SER A 40 -17.52 -19.85 18.91
CA SER A 40 -17.00 -18.49 18.85
C SER A 40 -17.93 -17.42 19.41
N VAL A 41 -19.21 -17.71 19.61
CA VAL A 41 -20.09 -16.76 20.28
C VAL A 41 -19.60 -16.61 21.73
N PRO A 42 -19.38 -15.36 22.21
CA PRO A 42 -18.84 -15.20 23.57
C PRO A 42 -19.82 -15.65 24.66
N TRP A 43 -19.38 -16.48 25.59
CA TRP A 43 -20.21 -16.90 26.74
C TRP A 43 -20.43 -15.76 27.74
N CYS A 44 -19.45 -14.87 27.81
CA CYS A 44 -19.51 -13.74 28.72
C CYS A 44 -19.42 -12.43 27.91
N TYR A 45 -20.41 -11.57 28.07
CA TYR A 45 -20.51 -10.36 27.21
C TYR A 45 -20.96 -9.17 28.03
N TYR A 46 -20.67 -7.96 27.54
CA TYR A 46 -20.99 -6.77 28.30
C TYR A 46 -22.50 -6.57 28.36
N SER A 47 -22.97 -6.06 29.50
CA SER A 47 -24.40 -5.70 29.62
C SER A 47 -24.71 -4.38 28.91
N LYS A 48 -26.01 -4.08 28.80
CA LYS A 48 -26.52 -2.93 28.08
C LYS A 48 -26.30 -1.60 28.81
N ASN A 49 -25.53 -1.64 29.91
CA ASN A 49 -25.23 -0.43 30.65
C ASN A 49 -23.93 -0.57 31.44
N HIS A 50 -22.92 -1.08 30.74
CA HIS A 50 -21.53 -0.96 31.18
C HIS A 50 -21.18 0.47 30.73
N SER A 51 -19.99 0.97 31.09
CA SER A 51 -19.29 2.12 30.44
C SER A 51 -19.54 3.56 30.95
N TYR A 52 -19.94 4.48 30.08
CA TYR A 52 -19.95 5.92 30.39
C TYR A 52 -21.33 6.50 30.12
N HIS A 53 -21.65 7.59 30.80
CA HIS A 53 -22.86 8.35 30.43
C HIS A 53 -22.47 9.81 30.22
N VAL A 54 -23.25 10.52 29.40
CA VAL A 54 -22.97 11.95 29.17
C VAL A 54 -23.41 12.70 30.43
N GLU A 55 -22.50 13.51 30.93
CA GLU A 55 -22.74 14.35 32.09
C GLU A 55 -23.19 15.74 31.60
N GLY A 56 -24.46 16.07 31.82
CA GLY A 56 -24.95 17.41 31.50
C GLY A 56 -25.13 17.62 30.00
N ASN A 57 -24.96 18.85 29.53
CA ASN A 57 -25.23 19.17 28.13
C ASN A 57 -24.01 19.14 27.25
N LEU A 58 -24.25 18.90 25.95
CA LEU A 58 -23.24 19.14 24.93
C LEU A 58 -23.04 20.63 24.74
N VAL A 59 -21.84 20.98 24.32
CA VAL A 59 -21.43 22.35 24.09
C VAL A 59 -21.08 22.51 22.63
N ASN A 60 -21.79 23.40 21.93
CA ASN A 60 -21.38 23.80 20.59
C ASN A 60 -20.08 24.53 20.56
N THR A 61 -19.24 24.18 19.59
CA THR A 61 -17.98 24.84 19.39
C THR A 61 -18.00 25.26 17.94
N ASN A 62 -17.06 26.11 17.53
CA ASN A 62 -16.95 26.47 16.11
C ASN A 62 -16.81 25.28 15.17
N ALA A 63 -16.00 24.30 15.55
CA ALA A 63 -15.77 23.07 14.74
C ALA A 63 -16.88 22.01 14.81
N GLY A 64 -17.60 21.93 15.93
CA GLY A 64 -18.63 20.90 16.10
C GLY A 64 -19.24 20.97 17.50
N PHE A 65 -18.83 20.05 18.38
CA PHE A 65 -19.32 20.06 19.78
C PHE A 65 -18.38 19.28 20.69
N THR A 66 -18.50 19.53 22.00
CA THR A 66 -17.85 18.69 23.01
C THR A 66 -18.89 18.10 23.96
N ALA A 67 -18.53 16.99 24.61
CA ALA A 67 -19.35 16.39 25.66
C ALA A 67 -18.41 15.87 26.73
N ARG A 68 -18.84 16.00 27.96
CA ARG A 68 -18.17 15.36 29.11
C ARG A 68 -18.83 14.00 29.38
N LEU A 69 -18.04 12.92 29.41
CA LEU A 69 -18.58 11.60 29.78
C LEU A 69 -18.09 11.21 31.18
N LYS A 70 -18.97 10.63 31.97
CA LYS A 70 -18.61 10.23 33.33
C LYS A 70 -18.69 8.71 33.42
N ASN A 71 -17.68 8.12 34.06
CA ASN A 71 -17.60 6.68 34.19
C ASN A 71 -18.77 6.13 35.00
N LEU A 72 -19.54 5.23 34.40
CA LEU A 72 -20.57 4.50 35.15
C LEU A 72 -19.85 3.47 36.02
N PRO A 73 -20.13 3.50 37.34
CA PRO A 73 -19.39 2.69 38.33
C PRO A 73 -19.26 1.22 37.90
N SER A 74 -18.04 0.69 37.92
CA SER A 74 -17.80 -0.67 37.42
C SER A 74 -16.47 -1.23 37.94
N SER A 75 -16.27 -2.54 37.75
CA SER A 75 -15.04 -3.21 38.21
C SER A 75 -13.92 -3.00 37.20
N PRO A 76 -12.69 -2.75 37.70
CA PRO A 76 -11.58 -2.35 36.83
C PRO A 76 -10.83 -3.52 36.19
N VAL A 77 -11.46 -4.18 35.22
CA VAL A 77 -10.88 -5.35 34.53
C VAL A 77 -9.35 -5.25 34.34
N PHE A 78 -8.93 -4.40 33.41
CA PHE A 78 -7.51 -4.23 33.08
C PHE A 78 -6.97 -2.90 33.60
N GLY A 79 -7.44 -2.56 34.80
CA GLY A 79 -6.80 -1.54 35.62
C GLY A 79 -7.42 -0.16 35.58
N SER A 80 -6.52 0.83 35.64
CA SER A 80 -6.80 2.24 35.88
C SER A 80 -7.75 2.93 34.89
N ASN A 81 -9.03 2.90 35.25
CA ASN A 81 -10.14 3.28 34.40
C ASN A 81 -10.66 4.74 34.51
N VAL A 82 -10.57 5.51 33.41
CA VAL A 82 -10.61 6.98 33.48
C VAL A 82 -11.97 7.56 33.92
N ASP A 83 -11.97 8.33 35.02
CA ASP A 83 -13.23 8.83 35.61
C ASP A 83 -14.00 9.77 34.68
N ASN A 84 -13.27 10.68 34.03
CA ASN A 84 -13.84 11.71 33.18
C ASN A 84 -13.21 11.71 31.81
N VAL A 85 -14.03 11.51 30.80
CA VAL A 85 -13.60 11.44 29.41
C VAL A 85 -14.22 12.63 28.64
N LEU A 86 -13.43 13.25 27.76
CA LEU A 86 -13.92 14.34 26.95
C LEU A 86 -14.07 13.84 25.52
N LEU A 87 -15.26 14.05 24.97
CA LEU A 87 -15.52 13.87 23.54
C LEU A 87 -15.43 15.21 22.83
N THR A 88 -14.53 15.31 21.84
CA THR A 88 -14.43 16.45 20.97
C THR A 88 -14.80 15.99 19.56
N ALA A 89 -15.77 16.66 18.96
CA ALA A 89 -16.27 16.24 17.63
C ALA A 89 -16.09 17.42 16.70
N GLU A 90 -15.62 17.15 15.47
CA GLU A 90 -15.35 18.20 14.50
C GLU A 90 -15.92 17.81 13.13
N TYR A 91 -16.74 18.71 12.57
CA TYR A 91 -17.33 18.46 11.26
C TYR A 91 -16.37 19.02 10.24
N GLN A 92 -15.30 18.29 9.96
CA GLN A 92 -14.16 18.92 9.28
C GLN A 92 -14.42 19.26 7.83
N THR A 93 -15.07 18.36 7.12
CA THR A 93 -15.46 18.60 5.73
C THR A 93 -16.84 18.02 5.51
N SER A 94 -17.44 18.29 4.35
CA SER A 94 -18.73 17.68 4.03
C SER A 94 -18.73 16.16 4.05
N ASN A 95 -17.56 15.55 3.87
CA ASN A 95 -17.43 14.09 3.77
C ASN A 95 -16.51 13.45 4.81
N ARG A 96 -16.04 14.23 5.77
CA ARG A 96 -15.13 13.69 6.78
C ARG A 96 -15.50 14.20 8.17
N PHE A 97 -15.70 13.27 9.11
CA PHE A 97 -16.05 13.59 10.49
C PHE A 97 -14.91 13.12 11.36
N HIS A 98 -14.54 13.91 12.37
CA HIS A 98 -13.45 13.56 13.29
C HIS A 98 -13.99 13.61 14.71
N PHE A 99 -13.78 12.55 15.49
CA PHE A 99 -14.08 12.64 16.92
C PHE A 99 -12.97 12.00 17.71
N LYS A 100 -12.67 12.59 18.86
CA LYS A 100 -11.62 12.07 19.70
C LYS A 100 -12.06 12.02 21.17
N LEU A 101 -11.69 10.94 21.84
CA LEU A 101 -12.08 10.70 23.23
C LEU A 101 -10.79 10.75 24.01
N THR A 102 -10.70 11.68 24.95
CA THR A 102 -9.46 11.94 25.69
C THR A 102 -9.75 11.90 27.18
N ASP A 103 -8.71 11.81 28.00
CA ASP A 103 -8.87 11.90 29.46
C ASP A 103 -9.05 13.37 29.78
N GLN A 104 -10.18 13.74 30.35
CA GLN A 104 -10.43 15.16 30.62
C GLN A 104 -9.39 15.79 31.56
N THR A 105 -8.89 15.01 32.51
CA THR A 105 -7.91 15.50 33.52
C THR A 105 -6.42 15.32 33.16
N ASN A 106 -6.09 14.43 32.24
CA ASN A 106 -4.68 14.19 31.91
C ASN A 106 -4.37 14.12 30.43
N ASN A 107 -3.26 14.73 30.03
CA ASN A 107 -2.75 14.56 28.67
C ASN A 107 -2.29 13.13 28.50
N ARG A 108 -2.56 12.56 27.34
CA ARG A 108 -2.15 11.18 27.05
C ARG A 108 -1.42 11.19 25.70
N PHE A 109 -0.72 10.11 25.37
CA PHE A 109 0.07 10.10 24.15
C PHE A 109 -0.90 10.18 22.96
N GLU A 110 -0.57 11.05 22.00
CA GLU A 110 -1.27 11.18 20.72
C GLU A 110 -0.24 11.03 19.61
N VAL A 111 -0.55 10.28 18.55
CA VAL A 111 0.42 10.08 17.45
C VAL A 111 0.91 11.40 16.85
N PRO A 112 2.24 11.68 16.86
CA PRO A 112 2.71 12.90 16.20
C PRO A 112 2.83 12.80 14.66
N HIS A 113 1.70 12.67 13.98
CA HIS A 113 1.70 12.36 12.53
C HIS A 113 2.30 13.54 11.76
N GLU A 114 3.08 13.23 10.72
CA GLU A 114 3.81 14.27 9.98
C GLU A 114 2.87 15.05 9.04
N HIS A 115 1.77 14.45 8.59
CA HIS A 115 0.92 15.12 7.60
C HIS A 115 -0.35 15.74 8.20
N VAL A 116 -1.04 14.99 9.04
CA VAL A 116 -2.32 15.41 9.59
C VAL A 116 -2.10 16.66 10.43
N GLN A 117 -2.93 17.67 10.20
CA GLN A 117 -2.82 18.91 10.99
C GLN A 117 -3.95 19.06 11.99
N SER A 118 -3.77 19.84 13.07
CA SER A 118 -4.94 20.10 13.92
C SER A 118 -5.90 20.97 13.14
N PHE A 119 -7.19 20.72 13.35
CA PHE A 119 -8.25 21.47 12.69
C PHE A 119 -8.45 22.80 13.42
N SER A 120 -8.63 23.88 12.68
CA SER A 120 -8.85 25.21 13.27
C SER A 120 -10.12 25.89 12.75
N GLY A 121 -10.72 25.35 11.69
CA GLY A 121 -11.89 25.99 11.08
C GLY A 121 -13.22 25.94 11.81
N ASN A 122 -14.26 26.35 11.10
CA ASN A 122 -15.63 26.11 11.53
C ASN A 122 -16.19 24.89 10.84
N ALA A 123 -17.23 24.32 11.45
CA ALA A 123 -17.92 23.17 10.91
C ALA A 123 -18.21 23.39 9.43
N ALA A 124 -18.00 22.35 8.62
CA ALA A 124 -18.30 22.45 7.19
C ALA A 124 -19.78 22.60 6.92
N ALA A 125 -20.09 23.23 5.80
CA ALA A 125 -21.45 23.36 5.30
C ALA A 125 -21.77 22.18 4.41
N SER A 126 -23.06 22.01 4.11
CA SER A 126 -23.51 20.93 3.20
C SER A 126 -22.99 19.54 3.58
N LEU A 127 -23.18 19.16 4.85
CA LEU A 127 -22.69 17.85 5.31
C LEU A 127 -23.39 16.71 4.60
N THR A 128 -22.63 15.65 4.30
CA THR A 128 -23.27 14.46 3.75
C THR A 128 -23.70 13.51 4.87
N TYR A 129 -23.33 13.85 6.13
CA TYR A 129 -23.65 12.97 7.26
C TYR A 129 -24.32 13.75 8.42
N GLN A 130 -24.91 12.99 9.36
CA GLN A 130 -25.43 13.53 10.60
C GLN A 130 -24.84 12.74 11.78
N VAL A 131 -24.54 13.44 12.86
CA VAL A 131 -24.05 12.76 14.05
C VAL A 131 -25.14 12.79 15.14
N GLU A 132 -25.34 11.64 15.78
N GLU A 132 -25.32 11.65 15.81
CA GLU A 132 -26.30 11.52 16.88
CA GLU A 132 -26.32 11.53 16.88
C GLU A 132 -25.56 11.04 18.14
C GLU A 132 -25.67 10.97 18.16
N ILE A 133 -25.85 11.67 19.28
CA ILE A 133 -25.23 11.28 20.57
C ILE A 133 -26.36 10.83 21.53
N SER A 134 -26.21 9.64 22.15
CA SER A 134 -27.11 9.17 23.22
C SER A 134 -26.34 9.31 24.51
N ARG A 135 -27.06 9.64 25.58
CA ARG A 135 -26.40 10.02 26.80
CA ARG A 135 -26.50 10.04 26.86
C ARG A 135 -26.37 8.89 27.85
N GLN A 136 -27.34 7.98 27.83
CA GLN A 136 -27.45 6.97 28.91
C GLN A 136 -27.80 5.57 28.40
N PRO A 137 -26.77 4.75 28.10
CA PRO A 137 -25.37 5.09 28.23
C PRO A 137 -24.82 5.86 27.00
N PHE A 138 -23.58 6.33 27.10
CA PHE A 138 -22.99 7.03 25.98
C PHE A 138 -22.96 6.16 24.71
N SER A 139 -23.44 6.72 23.61
CA SER A 139 -23.06 6.17 22.30
C SER A 139 -23.01 7.25 21.23
N ILE A 140 -22.29 6.96 20.15
CA ILE A 140 -22.19 7.90 19.04
C ILE A 140 -22.57 7.20 17.76
N LYS A 141 -23.33 7.90 16.93
CA LYS A 141 -23.78 7.33 15.66
C LYS A 141 -23.49 8.35 14.57
N VAL A 142 -23.00 7.88 13.43
CA VAL A 142 -22.85 8.68 12.23
C VAL A 142 -23.75 8.07 11.15
N THR A 143 -24.67 8.86 10.59
CA THR A 143 -25.62 8.34 9.59
C THR A 143 -25.44 9.11 8.29
N ARG A 144 -25.75 8.49 7.17
CA ARG A 144 -25.69 9.16 5.87
C ARG A 144 -27.02 9.95 5.72
N ARG A 145 -26.93 11.26 5.48
CA ARG A 145 -28.09 12.20 5.41
C ARG A 145 -29.10 11.81 4.33
N SER A 146 -28.63 11.44 3.15
CA SER A 146 -29.52 11.13 2.00
C SER A 146 -30.50 9.97 2.20
N ASN A 147 -30.07 8.90 2.88
CA ASN A 147 -30.93 7.72 3.07
C ASN A 147 -31.06 7.29 4.52
N ASN A 148 -30.48 8.08 5.44
CA ASN A 148 -30.46 7.78 6.87
C ASN A 148 -29.79 6.42 7.20
N ARG A 149 -28.88 5.96 6.36
CA ARG A 149 -28.24 4.65 6.63
C ARG A 149 -27.30 4.88 7.81
N VAL A 150 -27.39 4.01 8.80
CA VAL A 150 -26.53 4.14 9.98
C VAL A 150 -25.19 3.54 9.60
N LEU A 151 -24.14 4.36 9.66
CA LEU A 151 -22.81 3.95 9.21
C LEU A 151 -21.89 3.49 10.38
N PHE A 152 -21.66 4.42 11.31
CA PHE A 152 -20.93 4.16 12.57
C PHE A 152 -21.98 4.16 13.69
N ASP A 153 -21.95 3.18 14.58
CA ASP A 153 -22.89 3.16 15.67
C ASP A 153 -22.25 2.39 16.82
N SER A 154 -21.77 3.12 17.83
CA SER A 154 -21.07 2.49 18.94
C SER A 154 -21.98 1.82 19.97
N SER A 155 -23.31 1.94 19.79
CA SER A 155 -24.26 1.49 20.83
C SER A 155 -24.33 -0.03 21.02
N ILE A 156 -23.78 -0.81 20.09
CA ILE A 156 -23.65 -2.26 20.27
C ILE A 156 -22.81 -2.63 21.52
N GLY A 157 -21.89 -1.77 21.91
CA GLY A 157 -20.99 -2.12 22.98
C GLY A 157 -20.65 -0.93 23.84
N PRO A 158 -19.91 -1.16 24.93
CA PRO A 158 -19.48 -0.09 25.79
C PRO A 158 -18.35 0.74 25.18
N LEU A 159 -18.11 1.90 25.78
CA LEU A 159 -16.85 2.58 25.66
C LEU A 159 -16.01 2.14 26.88
N LEU A 160 -14.80 1.64 26.63
CA LEU A 160 -13.88 1.27 27.71
C LEU A 160 -12.67 2.16 27.59
N PHE A 161 -12.23 2.75 28.70
CA PHE A 161 -11.15 3.73 28.63
C PHE A 161 -10.32 3.67 29.91
N ALA A 162 -9.45 2.68 30.02
CA ALA A 162 -8.42 2.61 31.08
C ALA A 162 -7.05 2.94 30.50
N ASP A 163 -6.09 3.26 31.36
CA ASP A 163 -4.81 3.70 30.91
C ASP A 163 -4.20 2.75 29.88
N GLN A 164 -4.39 1.44 30.07
CA GLN A 164 -3.81 0.45 29.16
C GLN A 164 -4.84 -0.49 28.56
N PHE A 165 -6.06 0.02 28.43
CA PHE A 165 -7.12 -0.76 27.79
C PHE A 165 -8.24 0.16 27.32
N LEU A 166 -8.31 0.39 26.01
CA LEU A 166 -9.33 1.27 25.41
C LEU A 166 -10.06 0.45 24.33
N GLN A 167 -11.38 0.54 24.29
CA GLN A 167 -12.17 -0.21 23.32
C GLN A 167 -13.43 0.56 22.93
N LEU A 168 -13.75 0.52 21.64
CA LEU A 168 -15.02 1.03 21.13
C LEU A 168 -15.40 0.13 19.96
N SER A 169 -16.69 -0.12 19.82
CA SER A 169 -17.21 -1.02 18.77
C SER A 169 -18.05 -0.18 17.81
N THR A 170 -18.29 -0.67 16.60
CA THR A 170 -19.31 -0.07 15.72
C THR A 170 -20.09 -1.16 15.01
N ARG A 171 -21.41 -1.02 14.97
CA ARG A 171 -22.21 -1.78 14.02
C ARG A 171 -21.78 -1.37 12.63
N LEU A 172 -22.04 -2.24 11.66
CA LEU A 172 -21.75 -1.98 10.24
C LEU A 172 -22.98 -2.23 9.40
N PRO A 173 -23.13 -1.49 8.30
CA PRO A 173 -24.34 -1.63 7.50
C PRO A 173 -24.32 -2.79 6.48
N SER A 174 -23.18 -3.45 6.33
CA SER A 174 -23.06 -4.56 5.38
C SER A 174 -21.88 -5.41 5.78
N THR A 175 -21.73 -6.54 5.11
CA THR A 175 -20.59 -7.40 5.33
C THR A 175 -19.51 -7.15 4.26
N ASN A 176 -19.67 -6.09 3.46
CA ASN A 176 -18.64 -5.81 2.46
C ASN A 176 -17.57 -4.96 3.07
N VAL A 177 -16.58 -5.58 3.69
CA VAL A 177 -15.61 -4.85 4.52
C VAL A 177 -14.21 -5.21 4.00
N TYR A 178 -13.38 -4.20 3.78
CA TYR A 178 -12.05 -4.38 3.13
C TYR A 178 -11.04 -3.55 3.88
N GLY A 179 -9.82 -4.07 4.08
CA GLY A 179 -8.79 -3.28 4.73
C GLY A 179 -8.19 -3.93 5.95
N LEU A 180 -7.62 -3.10 6.83
CA LEU A 180 -6.84 -3.50 8.02
C LEU A 180 -5.50 -4.13 7.61
N GLY A 181 -4.48 -3.97 8.43
CA GLY A 181 -3.17 -4.56 8.06
C GLY A 181 -2.15 -4.26 9.11
N GLU A 182 -0.93 -4.80 8.96
CA GLU A 182 -0.57 -5.62 7.80
C GLU A 182 -0.77 -7.09 8.13
N HIS A 183 -1.54 -7.81 7.29
CA HIS A 183 -1.89 -9.21 7.54
C HIS A 183 -1.89 -9.94 6.21
N VAL A 184 -1.87 -11.27 6.29
CA VAL A 184 -2.25 -12.11 5.17
C VAL A 184 -3.70 -12.57 5.45
N HIS A 185 -4.67 -11.86 4.88
CA HIS A 185 -6.08 -12.21 5.11
C HIS A 185 -6.55 -13.39 4.30
N GLN A 186 -5.85 -13.67 3.21
CA GLN A 186 -6.16 -14.78 2.26
C GLN A 186 -7.33 -14.51 1.31
N GLN A 187 -8.30 -13.74 1.79
CA GLN A 187 -9.38 -13.26 0.96
C GLN A 187 -9.32 -11.73 1.08
N TYR A 188 -10.01 -11.05 0.18
CA TYR A 188 -10.05 -9.60 0.20
C TYR A 188 -11.26 -9.09 1.00
N ARG A 189 -12.45 -9.61 0.67
CA ARG A 189 -13.63 -9.26 1.48
C ARG A 189 -13.54 -9.97 2.82
N HIS A 190 -13.62 -9.19 3.91
CA HIS A 190 -13.47 -9.79 5.25
C HIS A 190 -14.38 -10.91 5.68
N ASP A 191 -13.76 -11.91 6.33
CA ASP A 191 -14.46 -12.92 7.09
C ASP A 191 -15.01 -12.25 8.37
N MET A 192 -16.32 -11.96 8.36
CA MET A 192 -17.00 -11.34 9.51
C MET A 192 -17.38 -12.39 10.55
N ASN A 193 -17.06 -13.66 10.31
CA ASN A 193 -17.41 -14.70 11.28
C ASN A 193 -16.47 -14.95 12.51
N TRP A 194 -16.50 -13.99 13.42
CA TRP A 194 -15.72 -14.00 14.66
C TRP A 194 -14.24 -14.13 14.39
N LYS A 195 -13.61 -13.04 14.00
CA LYS A 195 -12.16 -13.04 13.68
C LYS A 195 -11.52 -11.93 14.44
N THR A 196 -10.34 -12.20 15.01
CA THR A 196 -9.54 -11.15 15.66
C THR A 196 -8.21 -10.98 14.91
N TRP A 197 -7.90 -9.76 14.47
CA TRP A 197 -6.66 -9.40 13.75
C TRP A 197 -5.77 -8.50 14.63
N PRO A 198 -4.63 -9.01 15.12
CA PRO A 198 -3.76 -8.16 15.92
C PRO A 198 -2.92 -7.24 15.03
N ILE A 199 -2.59 -6.05 15.55
CA ILE A 199 -1.80 -5.09 14.80
C ILE A 199 -0.66 -4.61 15.68
N PHE A 200 0.56 -4.98 15.30
CA PHE A 200 1.76 -4.57 16.05
C PHE A 200 2.92 -4.94 15.16
N ASN A 201 3.66 -3.92 14.72
CA ASN A 201 4.71 -4.11 13.71
C ASN A 201 5.67 -5.18 14.14
N ARG A 202 5.79 -6.22 13.34
CA ARG A 202 6.62 -7.39 13.73
C ARG A 202 7.27 -8.04 12.51
N ASP A 203 8.55 -8.36 12.67
CA ASP A 203 9.26 -9.16 11.69
C ASP A 203 8.78 -10.59 11.84
N THR A 204 7.85 -11.00 10.98
CA THR A 204 7.45 -12.40 10.95
C THR A 204 7.06 -12.79 9.54
N THR A 205 6.96 -14.10 9.29
CA THR A 205 6.62 -14.60 7.95
C THR A 205 5.15 -14.36 7.62
N PRO A 206 4.89 -13.76 6.44
CA PRO A 206 3.52 -13.68 5.97
C PRO A 206 3.06 -15.06 5.53
N ASN A 207 2.36 -15.75 6.43
CA ASN A 207 1.97 -17.14 6.19
C ASN A 207 0.49 -17.31 6.48
N GLY A 208 0.04 -18.54 6.60
CA GLY A 208 -1.38 -18.82 6.73
C GLY A 208 -1.93 -18.70 8.15
N ASN A 209 -1.10 -18.24 9.09
CA ASN A 209 -1.51 -18.19 10.50
C ASN A 209 -2.18 -16.89 10.98
N GLY A 210 -2.35 -15.93 10.10
CA GLY A 210 -3.13 -14.73 10.41
C GLY A 210 -2.52 -13.83 11.50
N THR A 211 -1.20 -13.76 11.57
CA THR A 211 -0.54 -12.97 12.62
C THR A 211 -0.38 -11.47 12.21
N ASN A 212 0.01 -10.66 13.20
CA ASN A 212 0.54 -9.33 12.97
C ASN A 212 1.84 -9.41 12.15
N LEU A 213 1.96 -8.54 11.14
CA LEU A 213 3.13 -8.54 10.27
C LEU A 213 3.81 -7.16 10.37
N TYR A 214 4.48 -6.71 9.32
CA TYR A 214 5.47 -5.64 9.44
C TYR A 214 4.89 -4.23 9.67
N GLY A 215 3.66 -4.00 9.20
CA GLY A 215 3.07 -2.66 9.23
C GLY A 215 1.79 -2.59 10.06
N ALA A 216 1.34 -1.34 10.30
CA ALA A 216 0.15 -1.08 11.09
C ALA A 216 -0.80 -0.14 10.33
N GLN A 217 -1.94 -0.68 9.93
CA GLN A 217 -2.92 0.04 9.08
C GLN A 217 -4.31 -0.16 9.65
N THR A 218 -4.86 0.86 10.31
CA THR A 218 -6.19 0.67 10.91
C THR A 218 -7.38 0.99 9.99
N PHE A 219 -7.11 1.46 8.79
CA PHE A 219 -8.18 1.86 7.87
C PHE A 219 -8.98 0.67 7.27
N PHE A 220 -10.30 0.81 7.22
CA PHE A 220 -11.13 -0.11 6.47
C PHE A 220 -12.19 0.64 5.68
N LEU A 221 -12.66 0.01 4.61
CA LEU A 221 -13.65 0.61 3.75
C LEU A 221 -14.83 -0.34 3.79
N CYS A 222 -16.03 0.24 3.79
CA CYS A 222 -17.26 -0.56 3.69
C CYS A 222 -18.14 -0.11 2.51
N LEU A 223 -18.52 -1.05 1.65
CA LEU A 223 -19.42 -0.79 0.52
C LEU A 223 -20.81 -1.13 1.06
N GLU A 224 -21.65 -0.10 1.18
CA GLU A 224 -22.92 -0.21 1.90
C GLU A 224 -23.91 -0.99 1.06
N ASP A 225 -23.93 -0.76 -0.26
CA ASP A 225 -24.91 -1.44 -1.11
C ASP A 225 -24.50 -1.29 -2.56
N ALA A 226 -25.29 -1.86 -3.46
CA ALA A 226 -25.00 -1.84 -4.92
C ALA A 226 -25.13 -0.47 -5.58
N SER A 227 -25.61 0.54 -4.86
CA SER A 227 -25.65 1.86 -5.46
C SER A 227 -24.22 2.43 -5.54
N GLY A 228 -23.32 1.84 -4.75
CA GLY A 228 -21.94 2.28 -4.66
C GLY A 228 -21.62 3.06 -3.40
N LEU A 229 -22.63 3.57 -2.70
CA LEU A 229 -22.40 4.38 -1.50
C LEU A 229 -21.53 3.55 -0.58
N SER A 230 -20.50 4.19 -0.02
CA SER A 230 -19.49 3.53 0.79
C SER A 230 -19.02 4.50 1.85
N PHE A 231 -18.38 3.97 2.89
CA PHE A 231 -17.74 4.85 3.87
C PHE A 231 -16.47 4.14 4.39
N GLY A 232 -15.68 4.84 5.18
CA GLY A 232 -14.48 4.21 5.76
C GLY A 232 -14.25 4.77 7.13
N VAL A 233 -13.36 4.11 7.89
CA VAL A 233 -13.05 4.50 9.26
C VAL A 233 -11.55 4.35 9.46
N PHE A 234 -10.97 5.31 10.14
CA PHE A 234 -9.57 5.25 10.41
C PHE A 234 -9.39 5.56 11.91
N LEU A 235 -8.56 4.77 12.59
CA LEU A 235 -8.17 5.10 13.99
C LEU A 235 -6.74 5.56 14.05
N MET A 236 -6.54 6.81 14.48
CA MET A 236 -5.21 7.36 14.65
C MET A 236 -4.69 6.95 16.05
N ASN A 237 -4.03 5.79 16.09
CA ASN A 237 -3.50 5.21 17.33
C ASN A 237 -2.37 4.28 16.92
N SER A 238 -1.22 4.46 17.58
CA SER A 238 -0.05 3.65 17.28
C SER A 238 0.33 2.59 18.38
N ASN A 239 -0.54 2.34 19.38
CA ASN A 239 -0.25 1.32 20.39
C ASN A 239 -0.60 -0.05 19.85
N ALA A 240 -0.09 -1.11 20.49
CA ALA A 240 -0.51 -2.47 20.15
C ALA A 240 -2.03 -2.54 20.24
N MET A 241 -2.66 -3.19 19.27
CA MET A 241 -4.10 -3.32 19.31
C MET A 241 -4.53 -4.57 18.58
N GLU A 242 -5.82 -4.84 18.61
CA GLU A 242 -6.42 -5.84 17.75
C GLU A 242 -7.81 -5.41 17.35
N VAL A 243 -8.28 -5.96 16.25
CA VAL A 243 -9.56 -5.54 15.69
C VAL A 243 -10.39 -6.83 15.62
N VAL A 244 -11.62 -6.77 16.14
CA VAL A 244 -12.45 -7.95 16.29
C VAL A 244 -13.66 -7.82 15.38
N LEU A 245 -13.82 -8.75 14.46
CA LEU A 245 -14.92 -8.72 13.51
C LEU A 245 -15.93 -9.76 13.93
N GLN A 246 -17.22 -9.40 13.87
CA GLN A 246 -18.25 -10.39 14.20
C GLN A 246 -19.48 -10.24 13.32
N PRO A 247 -20.32 -11.30 13.24
CA PRO A 247 -21.34 -11.26 12.22
C PRO A 247 -22.58 -10.41 12.44
N ALA A 248 -22.63 -9.59 13.48
CA ALA A 248 -23.78 -8.69 13.71
C ALA A 248 -24.33 -7.98 12.46
N PRO A 249 -23.44 -7.41 11.57
CA PRO A 249 -21.96 -7.26 11.59
C PRO A 249 -21.47 -6.09 12.42
N ALA A 250 -20.31 -6.27 13.03
CA ALA A 250 -19.72 -5.22 13.86
C ALA A 250 -18.22 -5.34 13.88
N ILE A 251 -17.56 -4.25 14.20
CA ILE A 251 -16.14 -4.30 14.38
C ILE A 251 -15.81 -3.63 15.70
N THR A 252 -14.84 -4.19 16.41
CA THR A 252 -14.39 -3.61 17.66
C THR A 252 -12.91 -3.31 17.54
N TYR A 253 -12.51 -2.11 17.94
CA TYR A 253 -11.08 -1.75 18.13
C TYR A 253 -10.73 -1.82 19.62
N ARG A 254 -9.61 -2.47 19.94
CA ARG A 254 -9.16 -2.72 21.31
C ARG A 254 -7.69 -2.43 21.34
N THR A 255 -7.31 -1.31 21.94
CA THR A 255 -5.93 -0.91 21.98
C THR A 255 -5.43 -0.77 23.42
N ILE A 256 -4.11 -0.74 23.61
CA ILE A 256 -3.52 -0.76 24.99
C ILE A 256 -2.82 0.53 25.37
N GLY A 257 -3.11 1.60 24.64
CA GLY A 257 -2.62 2.88 25.14
C GLY A 257 -3.14 4.01 24.29
N GLY A 258 -2.61 5.20 24.49
CA GLY A 258 -3.00 6.35 23.66
C GLY A 258 -4.43 6.81 23.84
N ILE A 259 -5.02 7.35 22.77
CA ILE A 259 -6.42 7.79 22.89
C ILE A 259 -7.22 7.20 21.72
N LEU A 260 -8.55 7.33 21.78
CA LEU A 260 -9.39 6.87 20.68
C LEU A 260 -9.68 8.07 19.79
N ASP A 261 -8.89 8.21 18.73
CA ASP A 261 -8.94 9.35 17.79
C ASP A 261 -9.47 8.80 16.44
N PHE A 262 -10.76 9.04 16.14
CA PHE A 262 -11.43 8.41 14.99
C PHE A 262 -11.79 9.41 13.88
N TYR A 263 -11.69 8.92 12.63
CA TYR A 263 -12.19 9.61 11.42
C TYR A 263 -13.16 8.74 10.73
N VAL A 264 -14.24 9.34 10.23
CA VAL A 264 -15.23 8.58 9.44
C VAL A 264 -15.37 9.34 8.12
N PHE A 265 -15.28 8.62 6.99
CA PHE A 265 -15.25 9.24 5.65
C PHE A 265 -16.42 8.70 4.87
N LEU A 266 -17.14 9.54 4.12
CA LEU A 266 -18.24 9.07 3.27
C LEU A 266 -17.94 9.35 1.81
N GLY A 267 -18.40 8.49 0.93
CA GLY A 267 -18.21 8.73 -0.52
C GLY A 267 -19.37 8.15 -1.28
N ASN A 268 -19.51 8.57 -2.54
CA ASN A 268 -20.55 7.97 -3.39
C ASN A 268 -20.14 6.69 -4.04
N THR A 269 -18.84 6.39 -3.99
CA THR A 269 -18.27 5.15 -4.55
C THR A 269 -17.08 4.73 -3.68
N PRO A 270 -16.66 3.44 -3.75
CA PRO A 270 -15.46 3.02 -3.02
C PRO A 270 -14.23 3.89 -3.35
N GLU A 271 -14.01 4.26 -4.62
CA GLU A 271 -12.89 5.19 -4.96
C GLU A 271 -12.94 6.52 -4.20
N GLN A 272 -14.15 7.07 -4.03
CA GLN A 272 -14.27 8.37 -3.37
C GLN A 272 -13.91 8.27 -1.89
N VAL A 273 -14.23 7.13 -1.28
CA VAL A 273 -13.81 6.87 0.14
C VAL A 273 -12.28 6.84 0.25
N VAL A 274 -11.63 6.09 -0.63
CA VAL A 274 -10.15 6.09 -0.62
C VAL A 274 -9.59 7.50 -0.78
N GLN A 275 -10.15 8.28 -1.73
CA GLN A 275 -9.69 9.66 -1.94
C GLN A 275 -9.88 10.53 -0.68
N GLU A 276 -11.00 10.35 0.04
CA GLU A 276 -11.20 11.07 1.32
C GLU A 276 -10.19 10.67 2.37
N TYR A 277 -9.94 9.35 2.50
CA TYR A 277 -8.91 8.87 3.46
C TYR A 277 -7.54 9.48 3.12
N LEU A 278 -7.17 9.44 1.84
CA LEU A 278 -5.85 9.94 1.45
C LEU A 278 -5.70 11.44 1.52
N GLU A 279 -6.81 12.15 1.33
CA GLU A 279 -6.80 13.61 1.52
C GLU A 279 -6.43 13.88 2.97
N LEU A 280 -6.90 13.05 3.89
CA LEU A 280 -6.54 13.26 5.31
C LEU A 280 -5.08 12.84 5.59
N ILE A 281 -4.70 11.58 5.31
CA ILE A 281 -3.40 11.09 5.87
C ILE A 281 -2.23 11.34 4.96
N GLY A 282 -2.48 11.77 3.72
CA GLY A 282 -1.41 12.12 2.80
C GLY A 282 -1.45 11.23 1.56
N ARG A 283 -1.50 11.86 0.37
CA ARG A 283 -1.50 11.07 -0.89
C ARG A 283 -0.13 10.53 -1.20
N PRO A 284 -0.07 9.39 -1.91
CA PRO A 284 1.24 8.80 -2.18
C PRO A 284 2.16 9.65 -3.05
N ALA A 285 3.46 9.49 -2.83
CA ALA A 285 4.44 10.14 -3.67
C ALA A 285 4.28 9.66 -5.13
N LEU A 286 4.57 10.52 -6.10
CA LEU A 286 4.65 10.08 -7.51
C LEU A 286 5.96 9.30 -7.70
N PRO A 287 5.91 8.06 -8.20
CA PRO A 287 7.20 7.35 -8.34
C PRO A 287 8.08 7.96 -9.44
N SER A 288 9.39 7.76 -9.36
CA SER A 288 10.25 7.94 -10.56
C SER A 288 9.70 6.99 -11.62
N TYR A 289 9.67 7.44 -12.88
CA TYR A 289 9.17 6.54 -13.95
C TYR A 289 9.98 5.27 -14.02
N TRP A 290 11.29 5.34 -13.77
CA TRP A 290 12.09 4.13 -13.81
C TRP A 290 11.72 3.05 -12.77
N ALA A 291 11.17 3.49 -11.63
CA ALA A 291 10.74 2.57 -10.56
C ALA A 291 9.53 1.70 -10.97
N LEU A 292 8.87 2.07 -12.09
CA LEU A 292 7.71 1.29 -12.62
C LEU A 292 8.24 0.15 -13.48
N GLY A 293 9.54 0.14 -13.79
CA GLY A 293 10.08 -0.98 -14.52
C GLY A 293 10.30 -2.23 -13.67
N PHE A 294 10.91 -3.24 -14.27
CA PHE A 294 11.14 -4.52 -13.58
C PHE A 294 12.41 -4.40 -12.73
N HIS A 295 12.32 -4.90 -11.50
CA HIS A 295 13.43 -4.90 -10.52
C HIS A 295 13.88 -6.35 -10.30
N LEU A 296 15.20 -6.56 -10.19
CA LEU A 296 15.76 -7.88 -9.94
C LEU A 296 16.68 -7.84 -8.70
N SER A 297 16.63 -8.91 -7.91
CA SER A 297 17.26 -8.94 -6.56
C SER A 297 17.50 -10.37 -6.06
N ARG A 298 18.47 -10.54 -5.14
CA ARG A 298 18.45 -11.72 -4.28
C ARG A 298 19.32 -11.46 -3.10
N TYR A 299 19.05 -12.18 -2.02
CA TYR A 299 19.85 -12.16 -0.84
C TYR A 299 21.00 -13.14 -1.16
N GLU A 300 22.24 -12.66 -1.04
CA GLU A 300 23.43 -13.48 -1.22
C GLU A 300 23.66 -13.99 -2.66
N TYR A 301 23.87 -13.05 -3.56
CA TYR A 301 24.73 -13.31 -4.72
C TYR A 301 26.12 -13.72 -4.20
N GLY A 302 26.51 -13.21 -3.03
CA GLY A 302 27.80 -13.57 -2.37
C GLY A 302 28.98 -12.72 -2.84
N THR A 303 29.11 -12.58 -4.16
CA THR A 303 30.18 -11.76 -4.76
C THR A 303 29.65 -10.90 -5.91
N LEU A 304 30.34 -9.80 -6.18
CA LEU A 304 30.05 -8.96 -7.34
C LEU A 304 30.10 -9.75 -8.65
N ASP A 305 31.06 -10.66 -8.74
CA ASP A 305 31.17 -11.53 -9.90
C ASP A 305 29.88 -12.31 -10.16
N ASN A 306 29.33 -12.90 -9.10
CA ASN A 306 28.06 -13.63 -9.20
C ASN A 306 26.89 -12.70 -9.54
N MET A 307 26.87 -11.50 -8.95
CA MET A 307 25.84 -10.49 -9.30
C MET A 307 25.93 -10.09 -10.78
N ARG A 308 27.15 -9.76 -11.25
CA ARG A 308 27.39 -9.43 -12.65
C ARG A 308 26.94 -10.55 -13.60
N GLU A 309 27.21 -11.81 -13.27
CA GLU A 309 26.76 -12.95 -14.09
C GLU A 309 25.23 -12.90 -14.30
N VAL A 310 24.52 -12.65 -13.20
CA VAL A 310 23.07 -12.58 -13.27
C VAL A 310 22.60 -11.38 -14.09
N VAL A 311 23.15 -10.19 -13.83
CA VAL A 311 22.80 -8.99 -14.59
C VAL A 311 23.00 -9.27 -16.09
N GLU A 312 24.18 -9.82 -16.43
CA GLU A 312 24.50 -10.02 -17.83
C GLU A 312 23.65 -11.06 -18.57
N ARG A 313 23.27 -12.15 -17.90
CA ARG A 313 22.44 -13.14 -18.64
C ARG A 313 21.00 -12.61 -18.86
N ASN A 314 20.50 -11.81 -17.94
CA ASN A 314 19.18 -11.19 -18.15
C ASN A 314 19.19 -10.10 -19.21
N ARG A 315 20.25 -9.29 -19.24
CA ARG A 315 20.47 -8.35 -20.35
C ARG A 315 20.65 -9.05 -21.70
N ALA A 316 21.42 -10.14 -21.69
CA ALA A 316 21.64 -10.93 -22.94
C ALA A 316 20.29 -11.46 -23.48
N ALA A 317 19.35 -11.74 -22.57
CA ALA A 317 18.02 -12.25 -22.96
C ALA A 317 17.04 -11.17 -23.42
N GLN A 318 17.46 -9.90 -23.37
CA GLN A 318 16.65 -8.75 -23.77
C GLN A 318 15.42 -8.58 -22.86
N LEU A 319 15.57 -8.94 -21.60
CA LEU A 319 14.50 -8.76 -20.62
C LEU A 319 14.30 -7.28 -20.30
N PRO A 320 13.04 -6.83 -20.31
CA PRO A 320 12.81 -5.48 -19.78
C PRO A 320 13.24 -5.47 -18.29
N TYR A 321 14.13 -4.55 -17.93
CA TYR A 321 14.90 -4.73 -16.72
C TYR A 321 15.56 -3.43 -16.32
N ASP A 322 14.92 -2.67 -15.46
CA ASP A 322 15.41 -1.32 -15.14
C ASP A 322 16.30 -1.26 -13.91
N VAL A 323 16.03 -2.12 -12.92
CA VAL A 323 16.63 -1.92 -11.59
C VAL A 323 17.28 -3.19 -11.05
N GLN A 324 18.49 -3.02 -10.49
CA GLN A 324 19.16 -4.08 -9.77
C GLN A 324 19.26 -3.70 -8.31
N HIS A 325 18.87 -4.60 -7.42
CA HIS A 325 19.00 -4.34 -5.97
C HIS A 325 20.24 -5.05 -5.45
N ALA A 326 20.84 -4.49 -4.42
CA ALA A 326 22.00 -5.13 -3.81
C ALA A 326 21.64 -5.32 -2.34
N ASP A 327 21.65 -6.56 -1.90
CA ASP A 327 21.25 -6.98 -0.55
C ASP A 327 22.49 -6.93 0.40
N ILE A 328 22.37 -7.42 1.64
CA ILE A 328 23.39 -7.11 2.62
C ILE A 328 24.76 -7.75 2.28
N ASP A 329 24.78 -8.70 1.33
CA ASP A 329 26.06 -9.25 0.86
C ASP A 329 27.04 -8.24 0.23
N TYR A 330 26.54 -7.08 -0.23
CA TYR A 330 27.48 -6.05 -0.74
C TYR A 330 28.35 -5.44 0.37
N MET A 331 27.86 -5.43 1.60
CA MET A 331 28.50 -4.71 2.71
C MET A 331 29.74 -5.43 3.20
N ASP A 332 30.56 -4.72 3.96
CA ASP A 332 31.70 -5.35 4.63
C ASP A 332 31.18 -5.93 5.96
N GLU A 333 31.05 -7.24 5.99
CA GLU A 333 30.50 -7.97 7.15
C GLU A 333 29.16 -7.40 7.63
N ARG A 334 28.27 -7.19 6.67
CA ARG A 334 26.85 -6.82 6.89
C ARG A 334 26.69 -5.51 7.65
N ARG A 335 27.66 -4.61 7.50
CA ARG A 335 27.55 -3.28 8.14
C ARG A 335 27.20 -2.17 7.13
N ASP A 336 26.19 -1.37 7.47
CA ASP A 336 25.77 -0.24 6.65
C ASP A 336 26.94 0.64 6.27
N PHE A 337 26.83 1.27 5.09
CA PHE A 337 27.73 2.31 4.62
C PHE A 337 29.17 1.82 4.40
N THR A 338 29.30 0.55 4.04
CA THR A 338 30.58 -0.05 3.64
C THR A 338 30.30 -0.96 2.46
N TYR A 339 31.33 -1.29 1.69
CA TYR A 339 31.19 -2.43 0.82
C TYR A 339 32.42 -3.34 0.98
N ASP A 340 32.24 -4.62 0.69
CA ASP A 340 33.24 -5.65 0.88
C ASP A 340 34.33 -5.46 -0.19
N SER A 341 35.49 -4.98 0.22
CA SER A 341 36.53 -4.66 -0.78
C SER A 341 37.18 -5.86 -1.48
N VAL A 342 36.88 -7.08 -1.03
CA VAL A 342 37.32 -8.30 -1.70
C VAL A 342 36.16 -8.89 -2.53
N ASP A 343 35.11 -9.38 -1.86
CA ASP A 343 33.99 -9.96 -2.64
C ASP A 343 33.30 -8.96 -3.57
N PHE A 344 33.33 -7.68 -3.24
CA PHE A 344 32.72 -6.63 -4.08
C PHE A 344 33.76 -5.62 -4.57
N LYS A 345 34.99 -6.10 -4.80
CA LYS A 345 36.04 -5.26 -5.40
C LYS A 345 35.53 -4.86 -6.78
N GLY A 346 35.64 -3.58 -7.11
CA GLY A 346 35.17 -3.14 -8.43
C GLY A 346 33.72 -2.70 -8.41
N PHE A 347 33.10 -2.67 -7.23
CA PHE A 347 31.70 -2.20 -7.08
C PHE A 347 31.42 -0.86 -7.77
N PRO A 348 32.27 0.19 -7.56
CA PRO A 348 32.02 1.46 -8.28
C PRO A 348 32.07 1.37 -9.81
N GLU A 349 32.93 0.51 -10.37
CA GLU A 349 32.98 0.29 -11.82
CA GLU A 349 32.97 0.31 -11.80
C GLU A 349 31.71 -0.42 -12.31
N PHE A 350 31.21 -1.35 -11.51
CA PHE A 350 29.98 -2.09 -11.86
C PHE A 350 28.80 -1.12 -11.91
N VAL A 351 28.74 -0.23 -10.93
CA VAL A 351 27.72 0.85 -10.89
C VAL A 351 27.73 1.73 -12.17
N ASN A 352 28.95 2.10 -12.61
CA ASN A 352 29.07 2.77 -13.92
C ASN A 352 28.48 1.95 -15.04
N GLU A 353 28.76 0.65 -15.08
CA GLU A 353 28.22 -0.24 -16.13
C GLU A 353 26.70 -0.26 -16.09
N LEU A 354 26.14 -0.37 -14.89
CA LEU A 354 24.70 -0.38 -14.75
C LEU A 354 24.18 0.90 -15.35
N HIS A 355 24.77 2.02 -14.95
CA HIS A 355 24.28 3.31 -15.41
C HIS A 355 24.39 3.49 -16.93
N ASN A 356 25.52 3.04 -17.49
CA ASN A 356 25.79 3.08 -18.94
CA ASN A 356 25.73 3.11 -18.94
C ASN A 356 24.78 2.25 -19.74
N ASN A 357 24.25 1.20 -19.12
CA ASN A 357 23.25 0.36 -19.77
C ASN A 357 21.80 0.79 -19.48
N GLY A 358 21.66 1.95 -18.88
CA GLY A 358 20.37 2.58 -18.66
C GLY A 358 19.62 2.02 -17.48
N GLN A 359 20.37 1.38 -16.55
CA GLN A 359 19.79 0.78 -15.36
C GLN A 359 20.09 1.55 -14.08
N LYS A 360 19.45 1.14 -12.98
CA LYS A 360 19.52 1.83 -11.69
C LYS A 360 19.96 0.86 -10.62
N LEU A 361 20.64 1.35 -9.59
CA LEU A 361 21.05 0.51 -8.47
C LEU A 361 20.24 0.93 -7.25
N VAL A 362 19.61 -0.03 -6.59
CA VAL A 362 18.96 0.24 -5.32
C VAL A 362 19.77 -0.54 -4.25
N ILE A 363 20.20 0.13 -3.18
CA ILE A 363 20.91 -0.58 -2.08
C ILE A 363 20.05 -0.76 -0.86
N ILE A 364 20.21 -1.92 -0.20
CA ILE A 364 19.54 -2.17 1.08
C ILE A 364 20.33 -1.40 2.13
N VAL A 365 19.60 -0.80 3.09
CA VAL A 365 20.19 -0.14 4.25
C VAL A 365 19.33 -0.58 5.47
N ASP A 366 19.97 -1.08 6.52
CA ASP A 366 19.25 -1.49 7.72
C ASP A 366 19.35 -0.37 8.76
N PRO A 367 18.38 -0.28 9.67
CA PRO A 367 18.52 0.78 10.69
C PRO A 367 19.65 0.54 11.71
N ALA A 368 19.88 -0.70 12.08
CA ALA A 368 20.74 -0.96 13.23
C ALA A 368 22.21 -0.81 12.86
N ILE A 369 22.99 -0.23 13.76
CA ILE A 369 24.35 0.20 13.48
C ILE A 369 25.27 -0.57 14.46
N SER A 370 26.25 -1.28 13.92
CA SER A 370 27.21 -2.02 14.71
C SER A 370 27.85 -1.07 15.73
N ASN A 371 27.95 -1.50 16.98
CA ASN A 371 28.63 -0.67 18.00
C ASN A 371 30.09 -1.10 18.20
N ASN A 372 30.62 -1.84 17.23
CA ASN A 372 31.99 -2.32 17.31
C ASN A 372 32.89 -1.34 16.55
N SER A 373 33.53 -0.46 17.32
CA SER A 373 34.42 0.57 16.78
C SER A 373 35.49 0.80 17.83
N SER A 374 36.74 0.91 17.39
CA SER A 374 37.87 1.20 18.29
C SER A 374 38.76 2.30 17.73
N SER A 375 39.75 2.71 18.52
CA SER A 375 40.80 3.60 18.03
C SER A 375 41.49 2.95 16.84
N SER A 376 41.89 1.70 17.03
CA SER A 376 42.57 0.94 16.00
C SER A 376 41.69 0.76 14.79
N LYS A 377 40.44 0.34 15.00
CA LYS A 377 39.57 -0.05 13.89
C LYS A 377 38.23 0.74 13.95
N PRO A 378 38.24 2.00 13.48
CA PRO A 378 37.05 2.83 13.67
C PRO A 378 35.92 2.46 12.72
N TYR A 379 34.69 2.53 13.21
CA TYR A 379 33.52 2.41 12.33
C TYR A 379 32.78 3.73 12.35
N GLY A 380 32.92 4.46 11.24
CA GLY A 380 32.50 5.85 11.13
C GLY A 380 31.07 6.13 11.52
N PRO A 381 30.11 5.34 10.97
CA PRO A 381 28.69 5.59 11.24
C PRO A 381 28.35 5.53 12.72
N TYR A 382 28.95 4.59 13.45
CA TYR A 382 28.75 4.51 14.89
C TYR A 382 29.40 5.68 15.61
N ASP A 383 30.65 5.96 15.28
CA ASP A 383 31.34 7.08 15.94
C ASP A 383 30.60 8.40 15.74
N ARG A 384 30.18 8.69 14.50
CA ARG A 384 29.46 9.93 14.21
C ARG A 384 28.06 9.94 14.81
N GLY A 385 27.38 8.81 14.83
CA GLY A 385 26.09 8.76 15.52
C GLY A 385 26.19 8.96 17.03
N SER A 386 27.21 8.37 17.62
CA SER A 386 27.48 8.50 19.05
C SER A 386 27.84 9.94 19.41
N ASP A 387 28.65 10.59 18.57
CA ASP A 387 28.95 12.03 18.74
C ASP A 387 27.69 12.88 18.85
N MET A 388 26.72 12.58 17.99
CA MET A 388 25.48 13.34 17.94
C MET A 388 24.42 12.85 18.92
N LYS A 389 24.65 11.70 19.56
CA LYS A 389 23.75 11.22 20.60
C LYS A 389 22.33 10.96 20.06
N ILE A 390 22.26 10.31 18.89
CA ILE A 390 20.96 10.09 18.21
C ILE A 390 20.44 8.62 18.32
N TRP A 391 20.99 7.85 19.26
CA TRP A 391 20.48 6.47 19.47
C TRP A 391 19.21 6.40 20.33
N VAL A 392 18.45 5.31 20.15
CA VAL A 392 17.38 4.94 21.04
C VAL A 392 18.01 4.55 22.40
N ASN A 393 17.50 5.11 23.49
CA ASN A 393 18.11 4.84 24.81
C ASN A 393 17.31 3.82 25.60
N SER A 394 17.93 3.14 26.56
CA SER A 394 17.19 2.29 27.51
C SER A 394 16.35 3.10 28.47
N SER A 395 15.56 2.43 29.30
CA SER A 395 14.60 3.12 30.18
C SER A 395 15.24 4.20 31.08
N ASP A 396 16.52 4.05 31.37
CA ASP A 396 17.27 5.05 32.15
C ASP A 396 17.35 6.43 31.50
N GLY A 397 17.02 6.50 30.21
CA GLY A 397 16.96 7.77 29.50
C GLY A 397 18.31 8.25 29.01
N VAL A 398 19.38 7.50 29.27
CA VAL A 398 20.70 8.03 28.90
C VAL A 398 21.66 7.06 28.21
N THR A 399 21.41 5.76 28.38
CA THR A 399 22.31 4.75 27.83
C THR A 399 21.70 4.15 26.54
N PRO A 400 22.41 4.27 25.40
CA PRO A 400 21.90 3.68 24.15
C PRO A 400 21.57 2.21 24.35
N LEU A 401 20.39 1.81 23.87
CA LEU A 401 19.95 0.42 23.99
C LEU A 401 20.79 -0.47 23.06
N ILE A 402 21.26 -1.61 23.57
CA ILE A 402 22.01 -2.53 22.72
C ILE A 402 21.17 -3.76 22.38
N GLY A 403 21.07 -4.07 21.09
CA GLY A 403 20.40 -5.26 20.62
C GLY A 403 21.35 -6.02 19.72
N GLU A 404 20.81 -6.86 18.84
CA GLU A 404 21.63 -7.66 17.94
CA GLU A 404 21.61 -7.68 17.94
C GLU A 404 20.91 -7.81 16.60
N VAL A 405 21.58 -7.44 15.52
CA VAL A 405 21.03 -7.67 14.17
C VAL A 405 22.18 -8.21 13.31
N TRP A 406 22.16 -7.96 12.00
CA TRP A 406 23.09 -8.59 11.07
C TRP A 406 24.60 -8.50 11.38
N PRO A 407 25.08 -7.32 11.77
CA PRO A 407 26.52 -7.26 12.03
C PRO A 407 26.99 -7.82 13.37
N GLY A 408 26.05 -8.17 14.24
CA GLY A 408 26.39 -8.51 15.64
C GLY A 408 25.66 -7.54 16.55
N GLN A 409 26.29 -7.15 17.66
CA GLN A 409 25.65 -6.18 18.59
C GLN A 409 25.47 -4.85 17.90
N THR A 410 24.34 -4.18 18.17
CA THR A 410 24.01 -2.95 17.44
C THR A 410 23.31 -1.96 18.34
N VAL A 411 23.41 -0.69 17.98
CA VAL A 411 22.54 0.38 18.50
C VAL A 411 21.54 0.76 17.39
N PHE A 412 20.49 1.47 17.78
CA PHE A 412 19.36 1.75 16.88
C PHE A 412 19.16 3.26 16.79
N PRO A 413 19.15 3.81 15.56
CA PRO A 413 18.89 5.24 15.42
C PRO A 413 17.51 5.61 15.91
N ASP A 414 17.42 6.80 16.50
CA ASP A 414 16.14 7.35 16.88
C ASP A 414 15.69 8.31 15.77
N TYR A 415 14.99 7.81 14.77
CA TYR A 415 14.59 8.65 13.63
C TYR A 415 13.53 9.69 13.95
N THR A 416 12.95 9.63 15.15
CA THR A 416 12.04 10.70 15.63
C THR A 416 12.77 11.98 16.03
N ASN A 417 14.08 11.88 16.21
CA ASN A 417 14.90 13.03 16.58
C ASN A 417 15.37 13.70 15.29
N PRO A 418 14.94 14.94 15.02
CA PRO A 418 15.33 15.57 13.74
C PRO A 418 16.85 15.71 13.52
N ASN A 419 17.62 15.74 14.62
CA ASN A 419 19.08 15.61 14.57
CA ASN A 419 19.06 15.64 14.52
C ASN A 419 19.52 14.28 13.98
N CYS A 420 18.69 13.25 14.16
CA CYS A 420 19.00 11.93 13.57
C CYS A 420 18.98 12.01 12.04
N ALA A 421 18.02 12.75 11.49
CA ALA A 421 17.93 12.89 10.03
C ALA A 421 19.21 13.53 9.49
N VAL A 422 19.75 14.48 10.24
CA VAL A 422 21.01 15.13 9.85
C VAL A 422 22.14 14.11 9.83
N TRP A 423 22.26 13.31 10.90
CA TRP A 423 23.27 12.22 10.96
C TRP A 423 23.11 11.25 9.76
N TRP A 424 21.86 10.80 9.55
CA TRP A 424 21.52 9.83 8.49
C TRP A 424 21.87 10.38 7.09
N THR A 425 21.47 11.61 6.81
CA THR A 425 21.77 12.26 5.53
C THR A 425 23.30 12.27 5.28
N LYS A 426 24.07 12.64 6.30
CA LYS A 426 25.51 12.72 6.11
C LYS A 426 26.09 11.34 5.83
N GLU A 427 25.53 10.29 6.44
CA GLU A 427 26.02 8.94 6.19
C GLU A 427 25.76 8.57 4.74
N PHE A 428 24.58 8.93 4.26
CA PHE A 428 24.28 8.67 2.85
C PHE A 428 25.14 9.47 1.89
N GLU A 429 25.41 10.75 2.20
CA GLU A 429 26.31 11.61 1.38
C GLU A 429 27.70 10.99 1.24
N LEU A 430 28.25 10.55 2.35
CA LEU A 430 29.58 9.94 2.37
C LEU A 430 29.61 8.64 1.57
N PHE A 431 28.60 7.80 1.78
CA PHE A 431 28.56 6.52 1.10
C PHE A 431 28.31 6.71 -0.43
N HIS A 432 27.47 7.69 -0.77
CA HIS A 432 27.15 7.95 -2.18
C HIS A 432 28.39 8.38 -2.97
N ASN A 433 29.33 9.01 -2.27
CA ASN A 433 30.60 9.37 -2.88
C ASN A 433 31.42 8.15 -3.32
N GLN A 434 31.23 7.01 -2.65
CA GLN A 434 31.92 5.79 -3.01
C GLN A 434 31.12 4.91 -4.00
N VAL A 435 29.82 4.72 -3.72
CA VAL A 435 28.96 3.87 -4.53
C VAL A 435 27.75 4.72 -4.92
N GLU A 436 27.63 5.04 -6.21
CA GLU A 436 26.60 5.99 -6.69
C GLU A 436 25.25 5.28 -6.91
N PHE A 437 24.66 4.81 -5.83
CA PHE A 437 23.28 4.20 -5.83
C PHE A 437 22.21 5.25 -6.20
N ASP A 438 21.04 4.76 -6.64
CA ASP A 438 19.97 5.64 -7.15
C ASP A 438 18.71 5.61 -6.29
N GLY A 439 18.61 4.58 -5.47
CA GLY A 439 17.45 4.43 -4.58
C GLY A 439 17.86 3.60 -3.37
N ILE A 440 16.95 3.53 -2.42
CA ILE A 440 17.24 2.99 -1.10
C ILE A 440 16.14 2.04 -0.66
N TRP A 441 16.54 0.87 -0.20
CA TRP A 441 15.63 -0.14 0.30
C TRP A 441 15.88 -0.23 1.82
N ILE A 442 14.91 0.23 2.60
CA ILE A 442 15.00 0.22 4.07
C ILE A 442 14.28 -1.01 4.64
N ASP A 443 15.05 -1.88 5.29
CA ASP A 443 14.57 -3.16 5.75
C ASP A 443 14.70 -3.29 7.29
N MET A 444 14.08 -4.32 7.86
CA MET A 444 14.27 -4.66 9.29
C MET A 444 13.86 -3.52 10.20
N ASN A 445 12.92 -2.69 9.72
CA ASN A 445 12.59 -1.46 10.41
C ASN A 445 11.29 -1.47 11.20
N GLU A 446 10.93 -2.64 11.72
CA GLU A 446 9.80 -2.77 12.66
C GLU A 446 9.89 -2.07 14.02
N VAL A 447 11.03 -1.98 14.73
CA VAL A 447 12.39 -2.41 14.34
C VAL A 447 12.65 -3.88 14.76
N SER A 448 13.37 -4.61 13.90
CA SER A 448 13.62 -6.03 14.09
C SER A 448 14.88 -6.17 14.96
N ASN A 449 14.81 -7.04 15.94
CA ASN A 449 15.93 -7.30 16.87
C ASN A 449 16.08 -8.85 16.99
N PHE A 450 17.31 -9.38 16.90
CA PHE A 450 17.52 -10.82 16.96
C PHE A 450 17.45 -11.33 18.41
N VAL A 451 17.53 -10.43 19.37
CA VAL A 451 17.22 -10.75 20.76
C VAL A 451 15.92 -10.07 21.14
N ASP A 452 15.25 -10.61 22.13
CA ASP A 452 14.00 -10.05 22.60
C ASP A 452 14.33 -8.90 23.51
N GLY A 453 14.06 -7.68 23.04
CA GLY A 453 14.13 -6.48 23.87
C GLY A 453 15.50 -5.84 23.77
N SER A 454 16.50 -6.50 24.33
CA SER A 454 17.86 -5.97 24.32
C SER A 454 18.79 -7.10 24.74
N VAL A 455 20.10 -6.85 24.70
CA VAL A 455 21.04 -7.91 25.12
C VAL A 455 20.87 -8.28 26.65
N SER A 456 20.14 -7.48 27.42
CA SER A 456 19.84 -7.85 28.82
CA SER A 456 19.84 -7.85 28.82
C SER A 456 18.37 -8.19 29.07
N GLY A 457 17.65 -8.56 28.02
CA GLY A 457 16.21 -8.75 28.12
C GLY A 457 15.48 -7.44 28.49
N CYS A 458 14.31 -7.59 29.11
CA CYS A 458 13.48 -6.46 29.50
C CYS A 458 13.03 -6.62 30.92
N SER A 459 13.07 -5.53 31.67
CA SER A 459 12.55 -5.54 33.04
C SER A 459 11.07 -5.87 33.04
N THR A 460 10.66 -6.61 34.04
CA THR A 460 9.23 -6.85 34.24
C THR A 460 8.64 -5.54 34.76
N ASN A 461 7.66 -5.00 34.07
CA ASN A 461 6.92 -3.81 34.50
C ASN A 461 5.67 -3.69 33.63
N ASN A 462 4.88 -2.62 33.82
CA ASN A 462 3.56 -2.60 33.17
C ASN A 462 3.66 -2.27 31.68
N LEU A 463 4.83 -1.83 31.26
CA LEU A 463 5.05 -1.54 29.84
C LEU A 463 5.49 -2.78 29.10
N ASN A 464 6.55 -3.44 29.57
CA ASN A 464 6.97 -4.74 28.95
C ASN A 464 6.00 -5.87 29.15
N ASN A 465 5.23 -5.79 30.23
CA ASN A 465 4.27 -6.82 30.60
C ASN A 465 2.94 -6.15 30.99
N PRO A 466 2.14 -5.75 29.99
CA PRO A 466 0.94 -4.98 30.28
C PRO A 466 -0.18 -5.83 30.86
N PRO A 467 -1.19 -5.20 31.48
CA PRO A 467 -2.32 -5.97 32.02
C PRO A 467 -3.06 -6.81 30.97
N PHE A 468 -3.13 -6.32 29.73
CA PHE A 468 -3.77 -7.03 28.62
C PHE A 468 -2.82 -6.99 27.41
N THR A 469 -2.56 -8.14 26.80
CA THR A 469 -1.72 -8.21 25.61
C THR A 469 -2.58 -8.67 24.47
N PRO A 470 -2.67 -7.86 23.39
CA PRO A 470 -3.37 -8.34 22.18
C PRO A 470 -2.74 -9.66 21.68
N ARG A 471 -3.42 -10.41 20.79
CA ARG A 471 -2.91 -11.74 20.41
C ARG A 471 -1.81 -11.68 19.36
N ILE A 472 -0.78 -10.90 19.65
CA ILE A 472 0.36 -10.80 18.76
C ILE A 472 1.18 -12.08 18.77
N LEU A 473 1.90 -12.33 17.70
CA LEU A 473 2.78 -13.49 17.63
C LEU A 473 3.70 -13.59 18.85
N ASP A 474 3.76 -14.77 19.51
CA ASP A 474 4.64 -15.03 20.67
C ASP A 474 4.18 -14.45 22.02
N GLY A 475 3.17 -13.59 22.00
CA GLY A 475 2.51 -13.16 23.23
C GLY A 475 3.24 -12.17 24.10
N TYR A 476 4.35 -11.62 23.64
CA TYR A 476 5.05 -10.60 24.40
C TYR A 476 5.35 -9.46 23.46
N LEU A 477 5.07 -8.22 23.87
CA LEU A 477 5.32 -7.01 22.98
C LEU A 477 6.77 -6.89 22.51
N PHE A 478 7.71 -7.19 23.41
CA PHE A 478 9.15 -7.00 23.11
C PHE A 478 9.80 -8.14 22.33
N CYS A 479 9.01 -9.15 21.93
CA CYS A 479 9.55 -10.28 21.17
CA CYS A 479 9.55 -10.29 21.18
C CYS A 479 10.12 -9.83 19.83
N LYS A 480 11.41 -10.11 19.63
CA LYS A 480 12.15 -9.76 18.39
C LYS A 480 12.08 -8.27 18.03
N THR A 481 12.02 -7.44 19.06
CA THR A 481 12.05 -6.01 18.86
C THR A 481 12.72 -5.35 20.08
N LEU A 482 12.50 -4.05 20.31
CA LEU A 482 13.08 -3.32 21.46
C LEU A 482 12.24 -3.37 22.74
N CYS A 483 12.87 -3.15 23.90
CA CYS A 483 12.12 -3.02 25.14
C CYS A 483 11.05 -1.96 25.01
N MET A 484 9.86 -2.23 25.56
CA MET A 484 8.75 -1.25 25.55
C MET A 484 9.02 0.01 26.40
N ASP A 485 10.01 -0.07 27.29
CA ASP A 485 10.37 1.13 28.07
C ASP A 485 11.61 1.86 27.55
N ALA A 486 12.06 1.47 26.35
CA ALA A 486 13.08 2.23 25.69
C ALA A 486 12.51 3.60 25.30
N VAL A 487 13.42 4.55 25.10
CA VAL A 487 13.08 5.97 25.08
C VAL A 487 13.60 6.63 23.78
N GLN A 488 12.71 7.39 23.12
CA GLN A 488 12.99 8.13 21.89
C GLN A 488 12.44 9.55 22.00
N HIS A 489 12.80 10.39 21.06
CA HIS A 489 12.34 11.76 21.06
C HIS A 489 10.80 11.84 21.13
N TRP A 490 10.06 11.06 20.32
CA TRP A 490 8.62 11.19 20.35
C TRP A 490 7.96 10.50 21.52
N GLY A 491 8.69 9.65 22.26
CA GLY A 491 8.15 9.00 23.45
C GLY A 491 8.72 7.62 23.69
N LYS A 492 8.06 6.85 24.56
CA LYS A 492 8.53 5.52 24.91
C LYS A 492 8.12 4.54 23.83
N GLN A 493 8.90 3.47 23.70
CA GLN A 493 8.66 2.48 22.65
C GLN A 493 7.25 1.90 22.74
N TYR A 494 6.71 1.76 23.94
CA TYR A 494 5.32 1.29 24.14
C TYR A 494 4.32 2.04 23.24
N ASP A 495 4.53 3.36 23.12
CA ASP A 495 3.62 4.23 22.36
C ASP A 495 4.00 4.39 20.89
N ILE A 496 5.29 4.31 20.60
CA ILE A 496 5.78 4.71 19.28
C ILE A 496 6.43 3.58 18.50
N HIS A 497 6.30 2.36 18.99
CA HIS A 497 6.89 1.19 18.30
C HIS A 497 6.40 1.11 16.86
N ASN A 498 5.07 1.22 16.69
CA ASN A 498 4.45 1.16 15.35
C ASN A 498 4.87 2.31 14.39
N LEU A 499 5.57 3.33 14.90
CA LEU A 499 6.03 4.49 14.14
C LEU A 499 7.51 4.45 13.74
N TYR A 500 8.19 3.34 14.02
CA TYR A 500 9.63 3.32 13.76
C TYR A 500 9.90 3.35 12.25
N GLY A 501 9.22 2.48 11.51
CA GLY A 501 9.40 2.40 10.06
C GLY A 501 8.93 3.65 9.33
N TYR A 502 7.83 4.21 9.84
CA TYR A 502 7.33 5.50 9.36
C TYR A 502 8.34 6.63 9.53
N SER A 503 8.90 6.76 10.76
CA SER A 503 9.84 7.82 11.02
C SER A 503 11.09 7.64 10.17
N MET A 504 11.49 6.38 9.96
CA MET A 504 12.65 6.06 9.16
C MET A 504 12.45 6.46 7.70
N ALA A 505 11.27 6.14 7.16
CA ALA A 505 10.91 6.56 5.78
C ALA A 505 10.94 8.12 5.63
N VAL A 506 10.39 8.82 6.63
CA VAL A 506 10.41 10.31 6.64
C VAL A 506 11.85 10.79 6.58
N ALA A 507 12.70 10.19 7.43
CA ALA A 507 14.11 10.63 7.54
C ALA A 507 14.88 10.29 6.28
N THR A 508 14.57 9.15 5.65
CA THR A 508 15.23 8.73 4.45
C THR A 508 14.83 9.64 3.26
N ALA A 509 13.56 10.01 3.20
CA ALA A 509 13.13 11.04 2.20
C ALA A 509 13.88 12.38 2.41
N GLU A 510 14.06 12.76 3.67
CA GLU A 510 14.85 13.97 3.98
C GLU A 510 16.30 13.86 3.47
N ALA A 511 16.97 12.72 3.73
CA ALA A 511 18.30 12.49 3.19
C ALA A 511 18.32 12.61 1.65
N ALA A 512 17.28 12.07 0.98
CA ALA A 512 17.20 12.18 -0.50
C ALA A 512 17.24 13.61 -1.04
N LYS A 513 16.71 14.57 -0.29
CA LYS A 513 16.78 16.02 -0.64
C LYS A 513 18.20 16.48 -0.88
N THR A 514 19.15 15.90 -0.14
CA THR A 514 20.57 16.27 -0.28
C THR A 514 21.32 15.37 -1.23
N VAL A 515 21.08 14.07 -1.16
CA VAL A 515 21.84 13.11 -1.96
C VAL A 515 21.38 13.13 -3.45
N PHE A 516 20.08 13.36 -3.63
CA PHE A 516 19.45 13.42 -4.97
C PHE A 516 18.66 14.71 -5.12
N PRO A 517 19.37 15.86 -5.20
CA PRO A 517 18.68 17.16 -5.18
C PRO A 517 17.60 17.27 -6.26
N ASN A 518 16.38 17.62 -5.86
CA ASN A 518 15.23 17.82 -6.77
C ASN A 518 14.72 16.57 -7.48
N LYS A 519 15.16 15.40 -7.04
CA LYS A 519 14.74 14.15 -7.64
C LYS A 519 13.86 13.40 -6.66
N ARG A 520 13.02 12.52 -7.20
CA ARG A 520 12.21 11.61 -6.42
C ARG A 520 13.03 10.47 -5.83
N SER A 521 14.00 9.97 -6.61
CA SER A 521 14.73 8.74 -6.26
C SER A 521 13.68 7.61 -6.04
N PHE A 522 13.94 6.72 -5.09
CA PHE A 522 13.05 5.58 -4.82
C PHE A 522 13.38 5.09 -3.42
N ILE A 523 12.35 4.90 -2.60
CA ILE A 523 12.49 4.33 -1.24
C ILE A 523 11.50 3.17 -1.14
N LEU A 524 12.02 1.98 -0.83
CA LEU A 524 11.20 0.78 -0.59
C LEU A 524 11.30 0.42 0.89
N THR A 525 10.16 0.36 1.60
CA THR A 525 10.15 0.16 3.06
C THR A 525 9.40 -1.09 3.44
N ARG A 526 9.89 -1.77 4.47
CA ARG A 526 9.19 -2.96 4.96
C ARG A 526 8.09 -2.53 5.95
N SER A 527 8.50 -1.86 7.04
CA SER A 527 7.51 -1.41 8.01
C SER A 527 6.83 -0.09 7.61
N THR A 528 5.54 0.02 7.89
CA THR A 528 4.74 1.21 7.52
C THR A 528 3.71 1.54 8.61
N PHE A 529 3.21 2.77 8.58
CA PHE A 529 2.12 3.19 9.40
C PHE A 529 1.21 3.96 8.40
N ALA A 530 0.03 4.33 8.83
CA ALA A 530 -0.87 5.16 8.02
C ALA A 530 -0.12 6.36 7.49
N GLY A 531 -0.14 6.54 6.19
CA GLY A 531 0.54 7.68 5.55
C GLY A 531 1.94 7.44 5.01
N SER A 532 2.52 6.24 5.22
CA SER A 532 3.90 5.94 4.76
C SER A 532 4.10 6.10 3.24
N GLY A 533 3.02 5.83 2.51
CA GLY A 533 2.98 6.03 1.04
C GLY A 533 3.40 7.41 0.51
N LYS A 534 3.29 8.45 1.34
CA LYS A 534 3.78 9.79 0.98
C LYS A 534 5.30 9.80 0.77
N PHE A 535 5.98 8.79 1.32
CA PHE A 535 7.44 8.71 1.28
C PHE A 535 7.99 7.48 0.57
N ALA A 536 7.24 6.39 0.52
CA ALA A 536 7.85 5.11 0.17
C ALA A 536 6.93 4.10 -0.50
N ALA A 537 7.53 3.22 -1.30
CA ALA A 537 6.90 2.02 -1.80
C ALA A 537 6.99 0.94 -0.69
N HIS A 538 6.32 -0.18 -0.89
CA HIS A 538 6.33 -1.27 0.08
C HIS A 538 6.41 -2.57 -0.68
N TRP A 539 7.06 -3.57 -0.09
CA TRP A 539 6.88 -4.96 -0.55
C TRP A 539 6.34 -5.84 0.57
N LEU A 540 5.72 -6.94 0.20
CA LEU A 540 4.90 -7.64 1.14
C LEU A 540 5.72 -8.62 2.03
N GLY A 541 7.04 -8.57 1.94
CA GLY A 541 7.90 -9.27 2.92
C GLY A 541 8.43 -10.62 2.48
N ASP A 542 8.86 -11.40 3.47
CA ASP A 542 9.51 -12.69 3.26
C ASP A 542 8.50 -13.81 2.99
N ASN A 543 7.96 -13.84 1.78
CA ASN A 543 7.03 -14.87 1.41
C ASN A 543 7.75 -16.22 1.07
N THR A 544 7.01 -17.18 0.52
CA THR A 544 7.54 -18.51 0.29
C THR A 544 7.13 -18.93 -1.12
N ALA A 545 7.94 -19.77 -1.79
CA ALA A 545 7.59 -20.23 -3.13
C ALA A 545 6.52 -21.31 -3.08
N THR A 546 5.28 -20.93 -2.78
CA THR A 546 4.14 -21.88 -2.83
C THR A 546 2.98 -21.28 -3.61
N TRP A 547 2.08 -22.15 -4.09
CA TRP A 547 0.90 -21.67 -4.78
C TRP A 547 0.00 -20.84 -3.88
N ASP A 548 -0.07 -21.18 -2.58
CA ASP A 548 -0.84 -20.38 -1.60
C ASP A 548 -0.33 -18.94 -1.55
N ASP A 549 1.00 -18.79 -1.42
CA ASP A 549 1.62 -17.44 -1.44
C ASP A 549 1.31 -16.63 -2.70
N LEU A 550 1.40 -17.25 -3.87
CA LEU A 550 0.96 -16.60 -5.11
C LEU A 550 -0.50 -16.04 -4.98
N ARG A 551 -1.44 -16.90 -4.60
CA ARG A 551 -2.83 -16.47 -4.40
C ARG A 551 -3.01 -15.33 -3.37
N TRP A 552 -2.30 -15.44 -2.25
CA TRP A 552 -2.44 -14.49 -1.15
C TRP A 552 -1.88 -13.13 -1.48
N SER A 553 -1.08 -13.02 -2.54
CA SER A 553 -0.49 -11.71 -2.85
C SER A 553 -1.50 -10.67 -3.35
N ILE A 554 -2.57 -11.12 -3.99
CA ILE A 554 -3.46 -10.19 -4.62
C ILE A 554 -4.22 -9.38 -3.55
N PRO A 555 -4.88 -10.05 -2.58
CA PRO A 555 -5.44 -9.21 -1.49
C PRO A 555 -4.47 -8.22 -0.85
N GLY A 556 -3.22 -8.65 -0.62
CA GLY A 556 -2.24 -7.75 0.02
C GLY A 556 -1.94 -6.53 -0.84
N VAL A 557 -1.83 -6.71 -2.15
CA VAL A 557 -1.62 -5.61 -3.11
C VAL A 557 -2.84 -4.66 -3.07
N LEU A 558 -4.05 -5.23 -3.15
CA LEU A 558 -5.27 -4.40 -3.17
C LEU A 558 -5.41 -3.63 -1.91
N GLU A 559 -5.12 -4.26 -0.77
CA GLU A 559 -5.23 -3.55 0.52
C GLU A 559 -4.26 -2.39 0.60
N PHE A 560 -3.01 -2.59 0.20
CA PHE A 560 -2.06 -1.48 0.27
C PHE A 560 -2.41 -0.31 -0.65
N ASN A 561 -3.12 -0.60 -1.73
CA ASN A 561 -3.63 0.49 -2.56
C ASN A 561 -4.70 1.29 -1.80
N LEU A 562 -5.57 0.60 -1.06
CA LEU A 562 -6.49 1.31 -0.15
C LEU A 562 -5.74 2.19 0.85
N PHE A 563 -4.59 1.73 1.33
CA PHE A 563 -3.81 2.46 2.37
C PHE A 563 -2.96 3.58 1.74
N GLY A 564 -3.07 3.76 0.42
CA GLY A 564 -2.31 4.84 -0.24
C GLY A 564 -0.84 4.52 -0.41
N ILE A 565 -0.54 3.23 -0.55
CA ILE A 565 0.81 2.79 -0.88
C ILE A 565 0.68 1.96 -2.17
N PRO A 566 0.39 2.64 -3.29
CA PRO A 566 0.02 1.90 -4.50
C PRO A 566 1.19 1.15 -5.15
N MET A 567 2.42 1.64 -4.95
CA MET A 567 3.58 0.90 -5.42
CA MET A 567 3.61 0.95 -5.40
C MET A 567 3.91 -0.19 -4.41
N VAL A 568 3.33 -1.36 -4.64
CA VAL A 568 3.40 -2.49 -3.70
C VAL A 568 3.40 -3.78 -4.52
N GLY A 569 4.08 -4.80 -4.00
CA GLY A 569 4.16 -6.11 -4.66
C GLY A 569 4.87 -7.09 -3.73
N PRO A 570 4.74 -8.39 -3.95
CA PRO A 570 5.46 -9.42 -3.21
C PRO A 570 6.83 -9.71 -3.86
N ASP A 571 7.56 -10.68 -3.31
CA ASP A 571 8.80 -11.16 -3.99
C ASP A 571 8.32 -12.16 -5.06
N ILE A 572 8.44 -11.80 -6.33
CA ILE A 572 7.90 -12.65 -7.39
C ILE A 572 8.73 -13.94 -7.36
N CYS A 573 8.05 -15.07 -7.55
CA CYS A 573 8.59 -16.44 -7.50
C CYS A 573 8.83 -16.98 -6.08
N GLY A 574 8.81 -16.11 -5.07
CA GLY A 574 8.85 -16.52 -3.68
C GLY A 574 10.23 -16.38 -3.09
N PHE A 575 10.31 -15.67 -1.97
CA PHE A 575 11.56 -15.47 -1.24
C PHE A 575 12.13 -16.80 -0.75
N ALA A 576 11.50 -17.43 0.25
CA ALA A 576 11.95 -18.70 0.82
C ALA A 576 11.68 -19.88 -0.10
N LEU A 577 12.66 -20.79 -0.17
CA LEU A 577 12.59 -22.06 -0.89
C LEU A 577 12.98 -21.94 -2.36
N ASP A 578 13.40 -23.06 -2.96
CA ASP A 578 13.59 -23.14 -4.41
C ASP A 578 12.22 -23.06 -5.09
N THR A 579 12.08 -22.26 -6.15
CA THR A 579 10.80 -22.15 -6.83
C THR A 579 10.63 -23.22 -7.93
N PRO A 580 9.47 -23.93 -7.92
CA PRO A 580 9.16 -24.82 -9.07
C PRO A 580 9.05 -23.97 -10.35
N GLU A 581 9.48 -24.53 -11.50
CA GLU A 581 9.38 -23.78 -12.76
C GLU A 581 7.93 -23.32 -13.06
N GLU A 582 6.97 -24.19 -12.82
CA GLU A 582 5.59 -23.84 -13.17
C GLU A 582 5.06 -22.67 -12.32
N LEU A 583 5.30 -22.74 -11.02
CA LEU A 583 4.93 -21.64 -10.11
C LEU A 583 5.61 -20.33 -10.54
N CYS A 584 6.93 -20.36 -10.78
CA CYS A 584 7.65 -19.15 -11.18
C CYS A 584 7.17 -18.56 -12.51
N ARG A 585 6.79 -19.44 -13.45
CA ARG A 585 6.25 -18.98 -14.72
C ARG A 585 4.93 -18.24 -14.54
N ARG A 586 4.01 -18.83 -13.77
CA ARG A 586 2.73 -18.17 -13.47
C ARG A 586 2.94 -16.89 -12.63
N TRP A 587 3.92 -16.92 -11.75
CA TRP A 587 4.14 -15.77 -10.88
C TRP A 587 4.77 -14.61 -11.65
N MET A 588 5.66 -14.91 -12.60
CA MET A 588 6.18 -13.88 -13.51
C MET A 588 5.11 -13.32 -14.43
N GLN A 589 4.19 -14.16 -14.93
CA GLN A 589 3.08 -13.63 -15.74
C GLN A 589 2.27 -12.60 -14.97
N LEU A 590 1.85 -12.98 -13.76
CA LEU A 590 1.09 -12.08 -12.90
C LEU A 590 1.94 -10.93 -12.45
N GLY A 591 3.19 -11.21 -12.12
CA GLY A 591 4.09 -10.23 -11.52
C GLY A 591 4.45 -9.08 -12.45
N ALA A 592 4.31 -9.35 -13.76
CA ALA A 592 4.46 -8.32 -14.77
C ALA A 592 3.39 -7.23 -14.57
N PHE A 593 2.35 -7.51 -13.79
CA PHE A 593 1.25 -6.53 -13.57
C PHE A 593 1.07 -6.11 -12.11
N TYR A 594 2.04 -6.44 -11.23
CA TYR A 594 2.03 -5.84 -9.86
C TYR A 594 2.47 -4.39 -10.06
N PRO A 595 1.88 -3.45 -9.30
CA PRO A 595 2.36 -2.07 -9.38
C PRO A 595 3.87 -1.93 -9.08
N PHE A 596 4.36 -2.62 -8.05
CA PHE A 596 5.81 -2.82 -7.82
C PHE A 596 6.15 -4.25 -8.28
N SER A 597 6.98 -4.37 -9.33
CA SER A 597 7.35 -5.67 -9.93
C SER A 597 8.82 -6.01 -9.61
N ARG A 598 9.03 -6.91 -8.65
CA ARG A 598 10.38 -7.34 -8.25
C ARG A 598 10.45 -8.85 -8.01
N ASN A 599 11.40 -9.50 -8.70
CA ASN A 599 11.72 -10.92 -8.43
C ASN A 599 12.86 -10.89 -7.42
N HIS A 600 12.61 -11.40 -6.22
CA HIS A 600 13.63 -11.43 -5.16
C HIS A 600 13.64 -12.86 -4.56
N ASN A 601 14.77 -13.29 -4.01
CA ASN A 601 14.97 -14.69 -3.63
C ASN A 601 15.82 -14.70 -2.35
N GLY A 602 15.58 -15.67 -1.48
CA GLY A 602 16.34 -15.83 -0.23
C GLY A 602 17.72 -16.46 -0.43
N GLN A 603 18.47 -16.53 0.67
CA GLN A 603 19.84 -17.01 0.70
C GLN A 603 19.86 -18.50 0.41
N GLY A 604 20.78 -18.89 -0.48
CA GLY A 604 21.08 -20.30 -0.70
C GLY A 604 20.20 -21.03 -1.68
N TYR A 605 19.00 -20.50 -1.97
CA TYR A 605 18.10 -21.24 -2.85
C TYR A 605 18.52 -21.17 -4.31
N LYS A 606 18.01 -22.06 -5.15
CA LYS A 606 18.42 -22.11 -6.55
C LYS A 606 18.02 -20.79 -7.22
N ASP A 607 18.74 -20.39 -8.27
CA ASP A 607 18.49 -19.09 -8.94
C ASP A 607 17.08 -19.04 -9.46
N GLN A 608 16.43 -17.87 -9.36
CA GLN A 608 15.07 -17.75 -9.93
C GLN A 608 14.88 -16.49 -10.79
N ASP A 609 16.00 -15.84 -11.14
CA ASP A 609 15.96 -14.80 -12.15
C ASP A 609 15.48 -15.40 -13.48
N PRO A 610 14.71 -14.62 -14.26
CA PRO A 610 14.11 -15.23 -15.44
C PRO A 610 15.09 -15.96 -16.39
N ALA A 611 16.27 -15.38 -16.65
CA ALA A 611 17.21 -15.94 -17.62
C ALA A 611 17.85 -17.26 -17.13
N SER A 612 17.81 -17.48 -15.82
CA SER A 612 18.32 -18.69 -15.16
C SER A 612 17.56 -19.94 -15.60
N PHE A 613 16.40 -19.77 -16.20
CA PHE A 613 15.59 -20.92 -16.56
C PHE A 613 15.90 -21.43 -17.98
N GLY A 614 16.76 -20.72 -18.69
CA GLY A 614 17.23 -21.17 -19.99
C GLY A 614 16.93 -20.12 -21.02
N ALA A 615 17.92 -19.90 -21.88
CA ALA A 615 17.87 -18.85 -22.88
C ALA A 615 16.70 -19.05 -23.80
N ASP A 616 16.24 -20.29 -23.91
CA ASP A 616 15.19 -20.67 -24.84
C ASP A 616 13.95 -21.14 -24.13
N SER A 617 13.89 -20.98 -22.80
CA SER A 617 12.82 -21.59 -21.99
C SER A 617 11.46 -20.92 -22.14
N LEU A 618 10.39 -21.68 -21.86
CA LEU A 618 9.06 -21.10 -21.84
C LEU A 618 8.95 -19.98 -20.81
N LEU A 619 9.58 -20.16 -19.65
CA LEU A 619 9.50 -19.12 -18.62
C LEU A 619 10.14 -17.80 -19.09
N LEU A 620 11.34 -17.87 -19.68
CA LEU A 620 11.98 -16.65 -20.13
C LEU A 620 11.19 -15.98 -21.25
N ASN A 621 10.68 -16.76 -22.19
CA ASN A 621 9.94 -16.21 -23.33
C ASN A 621 8.66 -15.52 -22.85
N SER A 622 7.95 -16.19 -21.94
CA SER A 622 6.70 -15.64 -21.40
C SER A 622 6.96 -14.41 -20.57
N SER A 623 7.96 -14.50 -19.67
CA SER A 623 8.37 -13.34 -18.87
C SER A 623 8.66 -12.16 -19.73
N ARG A 624 9.48 -12.36 -20.78
CA ARG A 624 9.83 -11.26 -21.65
C ARG A 624 8.59 -10.71 -22.33
N HIS A 625 7.73 -11.60 -22.85
CA HIS A 625 6.50 -11.21 -23.52
C HIS A 625 5.59 -10.29 -22.66
N TYR A 626 5.32 -10.70 -21.43
CA TYR A 626 4.40 -9.91 -20.58
C TYR A 626 5.08 -8.70 -19.95
N LEU A 627 6.39 -8.79 -19.71
CA LEU A 627 7.11 -7.56 -19.34
C LEU A 627 7.11 -6.54 -20.46
N ASN A 628 7.17 -7.01 -21.72
CA ASN A 628 7.06 -6.10 -22.84
C ASN A 628 5.68 -5.42 -22.95
N ILE A 629 4.61 -6.15 -22.63
CA ILE A 629 3.25 -5.55 -22.49
C ILE A 629 3.22 -4.57 -21.34
N ARG A 630 3.76 -4.97 -20.18
CA ARG A 630 3.80 -3.99 -19.07
C ARG A 630 4.45 -2.72 -19.54
N TYR A 631 5.62 -2.85 -20.20
CA TYR A 631 6.35 -1.60 -20.61
C TYR A 631 5.58 -0.80 -21.65
N THR A 632 4.91 -1.49 -22.55
CA THR A 632 4.07 -0.81 -23.58
C THR A 632 3.00 0.07 -22.89
N LEU A 633 2.45 -0.41 -21.78
CA LEU A 633 1.36 0.27 -21.08
C LEU A 633 1.88 1.17 -19.97
N LEU A 634 3.20 1.35 -19.88
CA LEU A 634 3.69 2.23 -18.84
C LEU A 634 3.11 3.66 -18.84
N PRO A 635 2.88 4.30 -20.02
CA PRO A 635 2.24 5.65 -19.91
C PRO A 635 0.87 5.60 -19.22
N TYR A 636 0.10 4.55 -19.47
CA TYR A 636 -1.15 4.34 -18.76
C TYR A 636 -0.91 4.10 -17.26
N LEU A 637 -0.03 3.18 -16.90
CA LEU A 637 0.23 2.95 -15.46
C LEU A 637 0.71 4.26 -14.77
N TYR A 638 1.61 4.98 -15.42
CA TYR A 638 2.15 6.26 -14.87
C TYR A 638 1.06 7.30 -14.66
N THR A 639 0.14 7.39 -15.61
CA THR A 639 -0.97 8.31 -15.46
C THR A 639 -1.85 7.86 -14.25
N LEU A 640 -2.02 6.56 -14.07
CA LEU A 640 -2.70 6.05 -12.83
C LEU A 640 -1.97 6.49 -11.56
N PHE A 641 -0.64 6.42 -11.58
CA PHE A 641 0.10 6.89 -10.39
C PHE A 641 -0.06 8.42 -10.23
N PHE A 642 -0.09 9.17 -11.35
CA PHE A 642 -0.42 10.61 -11.29
C PHE A 642 -1.77 10.85 -10.59
N ARG A 643 -2.81 10.08 -10.96
CA ARG A 643 -4.09 10.25 -10.28
C ARG A 643 -4.06 9.84 -8.79
N ALA A 644 -3.31 8.81 -8.45
CA ALA A 644 -3.19 8.47 -7.02
C ALA A 644 -2.53 9.61 -6.25
N HIS A 645 -1.47 10.16 -6.84
CA HIS A 645 -0.68 11.24 -6.20
C HIS A 645 -1.48 12.54 -6.07
N SER A 646 -2.27 12.85 -7.08
CA SER A 646 -2.90 14.18 -7.17
C SER A 646 -4.31 14.17 -6.62
N ARG A 647 -4.99 13.04 -6.76
CA ARG A 647 -6.41 12.94 -6.45
C ARG A 647 -6.74 11.87 -5.39
N GLY A 648 -5.87 10.87 -5.30
CA GLY A 648 -6.01 9.78 -4.32
C GLY A 648 -6.63 8.48 -4.83
N ASP A 649 -6.77 8.31 -6.15
CA ASP A 649 -7.27 7.08 -6.74
C ASP A 649 -6.39 5.85 -6.39
N THR A 650 -6.96 4.64 -6.47
CA THR A 650 -6.13 3.41 -6.37
C THR A 650 -5.46 3.17 -7.73
N VAL A 651 -4.42 2.33 -7.76
CA VAL A 651 -3.72 1.98 -9.02
C VAL A 651 -4.06 0.56 -9.34
N ALA A 652 -3.62 -0.40 -8.51
CA ALA A 652 -4.19 -1.75 -8.56
C ALA A 652 -5.55 -1.70 -7.82
N ARG A 653 -6.61 -2.10 -8.52
CA ARG A 653 -7.96 -1.74 -8.08
C ARG A 653 -8.85 -2.99 -8.07
N PRO A 654 -9.67 -3.17 -7.00
CA PRO A 654 -10.58 -4.31 -6.98
C PRO A 654 -11.64 -4.18 -8.06
N LEU A 655 -12.11 -5.30 -8.60
CA LEU A 655 -13.24 -5.25 -9.57
C LEU A 655 -14.43 -4.47 -9.05
N LEU A 656 -14.70 -4.62 -7.76
CA LEU A 656 -15.89 -4.01 -7.13
C LEU A 656 -15.81 -2.47 -7.06
N HIS A 657 -14.62 -1.88 -7.21
CA HIS A 657 -14.54 -0.42 -7.21
C HIS A 657 -15.13 0.14 -8.51
N GLU A 658 -15.09 -0.64 -9.58
CA GLU A 658 -15.66 -0.24 -10.86
C GLU A 658 -17.01 -0.87 -11.08
N PHE A 659 -17.25 -2.04 -10.47
CA PHE A 659 -18.49 -2.79 -10.78
C PHE A 659 -19.31 -3.12 -9.52
N TYR A 660 -19.33 -2.18 -8.58
CA TYR A 660 -20.08 -2.30 -7.31
C TYR A 660 -21.57 -2.55 -7.53
N GLU A 661 -22.15 -2.19 -8.69
CA GLU A 661 -23.58 -2.45 -9.00
CA GLU A 661 -23.59 -2.45 -8.88
C GLU A 661 -23.86 -3.95 -9.01
N ASP A 662 -22.82 -4.73 -9.29
CA ASP A 662 -22.90 -6.18 -9.48
C ASP A 662 -22.33 -6.98 -8.31
N ASN A 663 -23.21 -7.55 -7.46
CA ASN A 663 -22.72 -8.25 -6.27
C ASN A 663 -21.84 -9.48 -6.52
N SER A 664 -21.82 -9.99 -7.74
CA SER A 664 -20.83 -11.01 -8.12
C SER A 664 -19.37 -10.52 -8.04
N THR A 665 -19.15 -9.20 -8.00
CA THR A 665 -17.78 -8.69 -7.88
C THR A 665 -17.34 -8.48 -6.42
N TRP A 666 -18.27 -8.55 -5.48
CA TRP A 666 -17.95 -8.12 -4.11
C TRP A 666 -16.92 -8.94 -3.37
N ASP A 667 -16.74 -10.19 -3.76
CA ASP A 667 -15.67 -10.91 -3.09
C ASP A 667 -14.63 -11.45 -4.07
N VAL A 668 -14.53 -10.82 -5.24
CA VAL A 668 -13.53 -11.27 -6.23
C VAL A 668 -12.16 -10.77 -5.79
N HIS A 669 -11.21 -11.69 -5.60
CA HIS A 669 -9.85 -11.33 -5.25
C HIS A 669 -8.80 -12.19 -6.03
N GLN A 670 -9.24 -12.91 -7.05
CA GLN A 670 -8.35 -13.72 -7.89
C GLN A 670 -8.06 -13.01 -9.23
N GLN A 671 -8.67 -11.83 -9.40
CA GLN A 671 -8.48 -10.97 -10.57
C GLN A 671 -8.39 -9.56 -10.01
N PHE A 672 -7.77 -8.62 -10.74
CA PHE A 672 -7.83 -7.20 -10.37
C PHE A 672 -7.74 -6.32 -11.60
N LEU A 673 -7.86 -5.01 -11.39
CA LEU A 673 -7.75 -4.04 -12.46
C LEU A 673 -6.48 -3.19 -12.33
N TRP A 674 -5.91 -2.76 -13.45
CA TRP A 674 -5.12 -1.49 -13.40
C TRP A 674 -6.09 -0.35 -13.68
N GLY A 675 -6.29 0.53 -12.70
CA GLY A 675 -7.23 1.66 -12.89
C GLY A 675 -8.62 1.15 -13.31
N PRO A 676 -9.30 1.91 -14.18
CA PRO A 676 -10.63 1.51 -14.60
C PRO A 676 -10.74 0.51 -15.75
N GLY A 677 -9.68 0.38 -16.56
CA GLY A 677 -9.80 -0.20 -17.88
C GLY A 677 -9.16 -1.54 -18.22
N LEU A 678 -8.17 -2.00 -17.44
CA LEU A 678 -7.44 -3.22 -17.78
C LEU A 678 -7.72 -4.31 -16.73
N LEU A 679 -8.30 -5.42 -17.18
CA LEU A 679 -8.65 -6.55 -16.34
C LEU A 679 -7.57 -7.62 -16.44
N ILE A 680 -7.01 -7.98 -15.28
CA ILE A 680 -5.96 -8.98 -15.21
C ILE A 680 -6.49 -10.27 -14.57
N THR A 681 -6.41 -11.38 -15.30
CA THR A 681 -6.90 -12.70 -14.84
C THR A 681 -5.79 -13.78 -14.86
N PRO A 682 -5.10 -13.95 -13.71
CA PRO A 682 -4.02 -14.96 -13.62
C PRO A 682 -4.49 -16.41 -13.45
N VAL A 683 -3.69 -17.35 -13.95
CA VAL A 683 -3.88 -18.73 -13.55
C VAL A 683 -3.17 -18.83 -12.20
N LEU A 684 -3.87 -19.36 -11.21
CA LEU A 684 -3.39 -19.32 -9.84
C LEU A 684 -3.37 -20.72 -9.19
N ASP A 685 -3.52 -21.75 -10.01
CA ASP A 685 -3.58 -23.15 -9.54
C ASP A 685 -2.59 -24.04 -10.29
N GLU A 686 -1.86 -24.82 -9.50
CA GLU A 686 -0.88 -25.76 -10.00
C GLU A 686 -1.53 -26.72 -10.99
N GLY A 687 -0.91 -26.85 -12.16
CA GLY A 687 -1.36 -27.78 -13.19
C GLY A 687 -2.47 -27.28 -14.08
N ALA A 688 -2.99 -26.07 -13.82
CA ALA A 688 -4.14 -25.58 -14.55
C ALA A 688 -3.76 -24.91 -15.87
N GLU A 689 -4.62 -25.05 -16.86
CA GLU A 689 -4.47 -24.33 -18.12
C GLU A 689 -5.76 -23.57 -18.43
N LYS A 690 -6.50 -23.29 -17.37
CA LYS A 690 -7.68 -22.46 -17.47
C LYS A 690 -7.85 -21.76 -16.14
N VAL A 691 -8.78 -20.81 -16.11
CA VAL A 691 -9.13 -20.20 -14.85
C VAL A 691 -10.62 -19.87 -14.82
N MET A 692 -11.26 -20.19 -13.71
CA MET A 692 -12.64 -19.76 -13.46
C MET A 692 -12.59 -18.27 -13.14
N ALA A 693 -13.23 -17.44 -13.94
CA ALA A 693 -13.05 -16.00 -13.83
C ALA A 693 -14.39 -15.28 -13.95
N TYR A 694 -14.46 -14.10 -13.36
CA TYR A 694 -15.63 -13.28 -13.55
C TYR A 694 -15.42 -12.23 -14.66
N VAL A 695 -16.34 -12.19 -15.60
CA VAL A 695 -16.38 -11.13 -16.62
C VAL A 695 -17.44 -10.09 -16.25
N PRO A 696 -17.01 -8.90 -15.80
CA PRO A 696 -17.97 -7.87 -15.39
C PRO A 696 -18.88 -7.35 -16.50
N ASP A 697 -19.85 -6.52 -16.11
CA ASP A 697 -20.86 -5.97 -17.03
C ASP A 697 -20.28 -4.83 -17.87
N ALA A 698 -19.46 -5.19 -18.83
CA ALA A 698 -18.92 -4.19 -19.76
C ALA A 698 -18.60 -4.94 -21.01
N VAL A 699 -18.34 -4.19 -22.09
CA VAL A 699 -17.69 -4.77 -23.29
C VAL A 699 -16.21 -5.05 -22.96
N TRP A 700 -15.68 -6.22 -23.31
CA TRP A 700 -14.25 -6.51 -23.08
C TRP A 700 -13.63 -6.93 -24.40
N TYR A 701 -12.38 -6.52 -24.59
CA TYR A 701 -11.55 -6.98 -25.74
C TYR A 701 -10.28 -7.66 -25.28
N ASP A 702 -9.96 -8.82 -25.84
CA ASP A 702 -8.65 -9.45 -25.58
C ASP A 702 -7.51 -8.50 -25.95
N TYR A 703 -6.62 -8.21 -25.00
CA TYR A 703 -5.48 -7.32 -25.28
C TYR A 703 -4.66 -7.79 -26.49
N GLU A 704 -4.37 -9.08 -26.55
CA GLU A 704 -3.43 -9.58 -27.56
C GLU A 704 -3.97 -9.58 -28.98
N THR A 705 -5.20 -10.08 -29.14
CA THR A 705 -5.82 -10.20 -30.49
C THR A 705 -6.70 -9.00 -30.85
N GLY A 706 -7.19 -8.30 -29.82
CA GLY A 706 -8.13 -7.19 -30.02
C GLY A 706 -9.59 -7.64 -30.15
N SER A 707 -9.84 -8.93 -30.22
CA SER A 707 -11.22 -9.39 -30.41
C SER A 707 -12.13 -9.26 -29.18
N GLN A 708 -13.36 -8.84 -29.45
CA GLN A 708 -14.35 -8.67 -28.40
C GLN A 708 -14.74 -10.03 -27.80
N VAL A 709 -14.78 -10.15 -26.49
CA VAL A 709 -15.13 -11.44 -25.90
C VAL A 709 -16.65 -11.62 -25.96
N ARG A 710 -17.11 -12.85 -26.01
CA ARG A 710 -18.56 -13.08 -26.15
C ARG A 710 -19.24 -13.15 -24.79
N TRP A 711 -18.50 -12.92 -23.71
CA TRP A 711 -19.04 -13.01 -22.35
C TRP A 711 -19.32 -11.62 -21.79
N ARG A 712 -20.32 -11.50 -20.92
CA ARG A 712 -20.56 -10.23 -20.23
C ARG A 712 -21.38 -10.46 -18.97
N LYS A 713 -20.88 -9.96 -17.84
CA LYS A 713 -21.56 -10.09 -16.54
C LYS A 713 -21.82 -11.55 -16.19
N GLN A 714 -20.77 -12.35 -16.11
CA GLN A 714 -20.93 -13.78 -15.89
C GLN A 714 -19.61 -14.46 -15.59
N LYS A 715 -19.69 -15.57 -14.87
CA LYS A 715 -18.56 -16.42 -14.60
C LYS A 715 -18.22 -17.26 -15.81
N VAL A 716 -16.93 -17.38 -16.10
CA VAL A 716 -16.50 -18.12 -17.28
C VAL A 716 -15.27 -18.94 -16.96
N GLU A 717 -15.07 -19.99 -17.74
CA GLU A 717 -13.81 -20.73 -17.63
CA GLU A 717 -13.83 -20.74 -17.65
C GLU A 717 -12.89 -20.22 -18.74
N MET A 718 -11.92 -19.41 -18.36
CA MET A 718 -11.07 -18.73 -19.33
C MET A 718 -9.91 -19.65 -19.67
N GLU A 719 -9.67 -19.88 -20.96
CA GLU A 719 -8.59 -20.81 -21.39
C GLU A 719 -7.26 -20.06 -21.42
N LEU A 720 -6.33 -20.49 -20.58
CA LEU A 720 -5.06 -19.77 -20.41
C LEU A 720 -3.96 -20.83 -20.27
N PRO A 721 -3.41 -21.28 -21.40
CA PRO A 721 -2.36 -22.30 -21.40
C PRO A 721 -1.07 -21.78 -20.75
N GLY A 722 -0.04 -22.60 -20.68
CA GLY A 722 1.15 -22.27 -19.87
C GLY A 722 1.84 -20.97 -20.20
N ASP A 723 1.60 -20.46 -21.42
CA ASP A 723 2.27 -19.26 -21.88
C ASP A 723 1.37 -18.01 -21.79
N LYS A 724 0.23 -18.09 -21.11
CA LYS A 724 -0.78 -17.00 -21.14
C LYS A 724 -1.28 -16.56 -19.77
N ILE A 725 -1.58 -15.27 -19.66
CA ILE A 725 -2.34 -14.69 -18.55
C ILE A 725 -3.49 -13.92 -19.21
N GLY A 726 -4.65 -13.89 -18.57
CA GLY A 726 -5.77 -13.12 -19.19
C GLY A 726 -5.58 -11.62 -19.04
N LEU A 727 -5.70 -10.92 -20.17
CA LEU A 727 -5.62 -9.48 -20.15
C LEU A 727 -6.71 -8.92 -21.05
N HIS A 728 -7.60 -8.10 -20.50
CA HIS A 728 -8.73 -7.58 -21.26
C HIS A 728 -8.92 -6.08 -21.04
N LEU A 729 -9.25 -5.38 -22.12
CA LEU A 729 -9.44 -3.94 -22.11
C LEU A 729 -10.91 -3.63 -22.13
N ARG A 730 -11.32 -2.69 -21.27
CA ARG A 730 -12.72 -2.29 -21.08
C ARG A 730 -13.23 -1.34 -22.18
N GLY A 731 -14.35 -1.71 -22.82
CA GLY A 731 -14.96 -0.83 -23.80
C GLY A 731 -15.31 0.49 -23.14
N GLY A 732 -15.01 1.60 -23.83
CA GLY A 732 -15.30 2.94 -23.31
C GLY A 732 -14.04 3.66 -22.85
N TYR A 733 -12.90 2.98 -23.02
CA TYR A 733 -11.62 3.47 -22.46
C TYR A 733 -10.53 3.55 -23.56
N ILE A 734 -9.67 4.58 -23.45
CA ILE A 734 -8.57 4.81 -24.37
C ILE A 734 -7.27 4.75 -23.55
N PHE A 735 -6.35 3.90 -24.01
CA PHE A 735 -5.11 3.58 -23.30
C PHE A 735 -3.91 4.14 -24.05
N PRO A 736 -3.14 5.06 -23.44
CA PRO A 736 -1.93 5.55 -24.12
C PRO A 736 -0.81 4.50 -23.94
N THR A 737 -0.04 4.28 -25.00
CA THR A 737 1.03 3.30 -24.96
C THR A 737 2.34 3.93 -25.52
N GLN A 738 3.44 3.20 -25.41
CA GLN A 738 4.72 3.66 -25.97
C GLN A 738 5.50 2.41 -26.28
N GLN A 739 6.09 2.34 -27.48
CA GLN A 739 6.80 1.19 -27.92
C GLN A 739 7.84 0.83 -26.86
N PRO A 740 7.90 -0.44 -26.46
CA PRO A 740 8.78 -0.77 -25.31
C PRO A 740 10.26 -0.85 -25.71
N ASN A 741 11.12 -0.77 -24.70
CA ASN A 741 12.55 -1.11 -24.86
C ASN A 741 12.93 -1.76 -23.53
N THR A 742 14.16 -2.28 -23.44
CA THR A 742 14.57 -3.02 -22.22
C THR A 742 14.80 -2.14 -20.97
N THR A 743 14.79 -0.83 -21.15
CA THR A 743 14.86 0.13 -20.01
C THR A 743 13.89 1.28 -20.28
N THR A 744 13.38 1.90 -19.22
CA THR A 744 12.56 3.09 -19.39
C THR A 744 13.38 4.27 -19.85
N LEU A 745 14.66 4.34 -19.46
CA LEU A 745 15.50 5.41 -19.98
C LEU A 745 15.28 5.51 -21.49
N ALA A 746 15.43 4.38 -22.17
CA ALA A 746 15.27 4.34 -23.61
C ALA A 746 13.80 4.33 -24.04
N SER A 747 12.91 3.64 -23.32
CA SER A 747 11.53 3.51 -23.84
C SER A 747 10.83 4.87 -23.92
N ARG A 748 11.16 5.77 -22.99
CA ARG A 748 10.55 7.09 -22.94
C ARG A 748 10.82 7.96 -24.17
N LYS A 749 11.84 7.63 -24.96
CA LYS A 749 12.12 8.32 -26.23
C LYS A 749 11.36 7.73 -27.43
N ASN A 750 10.61 6.64 -27.24
CA ASN A 750 10.01 5.92 -28.42
C ASN A 750 8.65 6.51 -28.87
N PRO A 751 8.19 6.17 -30.09
CA PRO A 751 6.85 6.52 -30.57
C PRO A 751 5.75 6.13 -29.58
N LEU A 752 4.75 7.00 -29.44
CA LEU A 752 3.57 6.69 -28.67
C LEU A 752 2.45 6.06 -29.53
N GLY A 753 1.46 5.50 -28.85
CA GLY A 753 0.33 4.86 -29.51
C GLY A 753 -0.90 5.08 -28.66
N LEU A 754 -2.05 4.79 -29.26
CA LEU A 754 -3.33 4.81 -28.52
C LEU A 754 -4.07 3.53 -28.82
N ILE A 755 -4.71 2.96 -27.80
CA ILE A 755 -5.66 1.84 -28.03
C ILE A 755 -7.01 2.38 -27.62
N ILE A 756 -7.93 2.44 -28.58
CA ILE A 756 -9.29 2.95 -28.34
C ILE A 756 -10.20 1.73 -28.28
N ALA A 757 -10.68 1.37 -27.09
CA ALA A 757 -11.62 0.23 -26.93
C ALA A 757 -13.05 0.80 -26.96
N LEU A 758 -13.80 0.61 -28.05
CA LEU A 758 -15.11 1.26 -28.14
C LEU A 758 -16.16 0.59 -27.24
N ASP A 759 -17.06 1.41 -26.65
CA ASP A 759 -18.18 0.84 -25.91
C ASP A 759 -19.32 0.56 -26.90
N GLU A 760 -20.51 0.16 -26.41
CA GLU A 760 -21.63 -0.25 -27.29
C GLU A 760 -22.10 0.93 -28.14
N ASN A 761 -21.92 2.14 -27.63
CA ASN A 761 -22.23 3.34 -28.39
C ASN A 761 -21.12 3.85 -29.32
N LYS A 762 -20.06 3.07 -29.49
CA LYS A 762 -18.89 3.46 -30.29
C LYS A 762 -18.23 4.74 -29.76
N GLU A 763 -18.19 4.84 -28.43
CA GLU A 763 -17.52 5.93 -27.76
C GLU A 763 -16.43 5.46 -26.80
N ALA A 764 -15.52 6.35 -26.45
CA ALA A 764 -14.46 6.01 -25.47
C ALA A 764 -13.79 7.28 -24.99
N LYS A 765 -13.10 7.24 -23.83
CA LYS A 765 -12.44 8.43 -23.28
C LYS A 765 -11.18 7.95 -22.59
N GLY A 766 -10.14 8.76 -22.56
CA GLY A 766 -8.92 8.38 -21.83
C GLY A 766 -8.11 9.64 -21.58
N GLU A 767 -6.92 9.50 -20.98
CA GLU A 767 -6.10 10.66 -20.71
C GLU A 767 -4.63 10.22 -20.63
N LEU A 768 -3.72 11.19 -20.70
CA LEU A 768 -2.31 10.90 -20.52
C LEU A 768 -1.63 12.03 -19.76
N PHE A 769 -0.93 11.65 -18.70
CA PHE A 769 -0.05 12.58 -17.94
C PHE A 769 1.37 12.40 -18.46
N TRP A 770 2.11 13.51 -18.64
CA TRP A 770 3.48 13.38 -19.11
C TRP A 770 4.34 14.47 -18.46
N ASP A 771 5.38 14.06 -17.75
CA ASP A 771 6.33 15.04 -17.21
C ASP A 771 7.72 14.48 -17.43
N ASP A 772 8.72 15.02 -16.71
CA ASP A 772 10.08 14.55 -16.97
C ASP A 772 10.45 13.22 -16.36
N GLY A 773 9.52 12.62 -15.62
CA GLY A 773 9.72 11.27 -15.10
C GLY A 773 10.53 11.19 -13.82
N GLU A 774 11.04 12.31 -13.33
CA GLU A 774 11.93 12.21 -12.18
C GLU A 774 12.07 13.40 -11.24
N THR A 775 11.62 14.57 -11.66
CA THR A 775 11.73 15.74 -10.77
C THR A 775 10.68 15.69 -9.68
N LYS A 776 11.08 16.00 -8.44
CA LYS A 776 10.15 15.95 -7.34
C LYS A 776 9.19 17.13 -7.48
N ASP A 777 7.91 16.85 -7.25
CA ASP A 777 6.86 17.89 -7.18
C ASP A 777 6.56 18.65 -8.47
N THR A 778 6.81 17.99 -9.61
CA THR A 778 6.29 18.48 -10.90
C THR A 778 4.79 18.75 -10.89
N VAL A 779 4.02 18.02 -10.07
CA VAL A 779 2.55 18.24 -10.00
C VAL A 779 2.26 19.49 -9.16
N ALA A 780 2.78 19.53 -7.93
CA ALA A 780 2.57 20.71 -7.10
C ALA A 780 3.11 22.00 -7.75
N ASN A 781 4.24 21.91 -8.44
CA ASN A 781 4.79 23.08 -9.13
C ASN A 781 4.25 23.30 -10.54
N LYS A 782 3.34 22.42 -10.98
CA LYS A 782 2.65 22.56 -12.27
C LYS A 782 3.59 22.60 -13.47
N VAL A 783 4.47 21.60 -13.56
CA VAL A 783 5.32 21.47 -14.72
C VAL A 783 5.00 20.12 -15.34
N TYR A 784 3.87 20.04 -16.04
CA TYR A 784 3.53 18.79 -16.70
C TYR A 784 2.60 18.99 -17.84
N LEU A 785 2.37 17.92 -18.61
CA LEU A 785 1.36 17.92 -19.66
C LEU A 785 0.25 16.98 -19.21
N LEU A 786 -1.00 17.39 -19.39
CA LEU A 786 -2.13 16.47 -19.26
C LEU A 786 -3.01 16.63 -20.51
N CYS A 787 -3.20 15.55 -21.25
CA CYS A 787 -4.12 15.59 -22.38
C CYS A 787 -5.25 14.58 -22.25
N GLU A 788 -6.32 14.84 -23.03
CA GLU A 788 -7.51 14.01 -22.95
CA GLU A 788 -7.58 14.08 -22.98
C GLU A 788 -7.83 13.55 -24.36
N PHE A 789 -8.37 12.33 -24.45
CA PHE A 789 -8.76 11.72 -25.70
C PHE A 789 -10.24 11.39 -25.60
N SER A 790 -11.01 11.68 -26.65
CA SER A 790 -12.39 11.29 -26.62
C SER A 790 -12.82 10.94 -28.02
N VAL A 791 -13.60 9.88 -28.10
CA VAL A 791 -14.04 9.34 -29.37
C VAL A 791 -15.55 9.30 -29.33
N THR A 792 -16.16 9.77 -30.41
CA THR A 792 -17.57 9.52 -30.63
C THR A 792 -17.62 8.89 -32.01
N GLN A 793 -18.83 8.79 -32.50
CA GLN A 793 -18.98 8.30 -33.85
C GLN A 793 -18.20 9.22 -34.79
N ASN A 794 -17.33 8.58 -35.55
CA ASN A 794 -16.63 9.22 -36.66
C ASN A 794 -15.56 10.19 -36.23
N ARG A 795 -15.21 10.26 -34.94
CA ARG A 795 -14.29 11.34 -34.49
C ARG A 795 -13.46 11.01 -33.27
N LEU A 796 -12.15 11.23 -33.33
CA LEU A 796 -11.28 11.25 -32.13
C LEU A 796 -10.83 12.69 -31.92
N GLU A 797 -10.96 13.19 -30.69
CA GLU A 797 -10.40 14.48 -30.34
C GLU A 797 -9.29 14.22 -29.32
N VAL A 798 -8.14 14.85 -29.56
CA VAL A 798 -7.05 14.96 -28.58
C VAL A 798 -6.99 16.46 -28.17
N ASN A 799 -7.22 16.73 -26.89
CA ASN A 799 -7.33 18.05 -26.29
CA ASN A 799 -7.15 18.10 -26.40
C ASN A 799 -6.29 18.17 -25.17
N ILE A 800 -5.88 19.38 -24.86
CA ILE A 800 -4.82 19.58 -23.90
C ILE A 800 -5.41 20.36 -22.76
N SER A 801 -5.26 19.86 -21.54
CA SER A 801 -5.77 20.63 -20.41
C SER A 801 -4.69 21.33 -19.57
N GLN A 802 -3.48 20.78 -19.48
CA GLN A 802 -2.36 21.45 -18.79
C GLN A 802 -1.22 21.25 -19.72
N SER A 803 -0.42 22.29 -19.94
CA SER A 803 0.58 22.25 -20.96
C SER A 803 1.83 23.05 -20.55
N THR A 804 2.48 22.66 -19.46
CA THR A 804 3.65 23.40 -18.99
C THR A 804 4.90 22.51 -18.99
N TYR A 805 4.89 21.43 -19.77
CA TYR A 805 6.05 20.61 -20.00
C TYR A 805 5.99 20.10 -21.41
N LYS A 806 7.08 20.31 -22.13
CA LYS A 806 7.18 19.73 -23.45
C LYS A 806 8.44 18.91 -23.51
N ASP A 807 8.28 17.63 -23.79
CA ASP A 807 9.40 16.70 -23.83
C ASP A 807 10.31 17.03 -25.04
N PRO A 808 11.63 17.27 -24.80
CA PRO A 808 12.54 17.59 -25.92
C PRO A 808 12.79 16.47 -26.93
N ASN A 809 12.27 15.27 -26.67
CA ASN A 809 12.45 14.15 -27.62
C ASN A 809 11.45 14.09 -28.77
N ASN A 810 10.67 15.15 -28.96
CA ASN A 810 9.73 15.22 -30.10
C ASN A 810 8.84 13.96 -30.17
N LEU A 811 8.11 13.69 -29.10
CA LEU A 811 7.32 12.46 -29.05
C LEU A 811 6.04 12.67 -29.83
N ALA A 812 5.53 11.60 -30.43
CA ALA A 812 4.32 11.74 -31.21
C ALA A 812 3.60 10.39 -31.19
N PHE A 813 2.27 10.43 -31.26
CA PHE A 813 1.49 9.19 -31.50
C PHE A 813 1.61 8.79 -32.96
N ASN A 814 2.09 7.58 -33.25
CA ASN A 814 2.31 7.16 -34.63
C ASN A 814 1.43 5.99 -34.99
N GLU A 815 0.57 5.56 -34.07
CA GLU A 815 -0.29 4.40 -34.34
C GLU A 815 -1.52 4.54 -33.46
N ILE A 816 -2.67 4.23 -34.03
CA ILE A 816 -3.89 4.23 -33.24
C ILE A 816 -4.62 2.94 -33.58
N LYS A 817 -4.90 2.13 -32.57
CA LYS A 817 -5.62 0.87 -32.79
C LYS A 817 -7.03 1.05 -32.20
N ILE A 818 -8.06 0.78 -33.02
CA ILE A 818 -9.44 0.96 -32.62
C ILE A 818 -10.09 -0.42 -32.59
N LEU A 819 -10.68 -0.74 -31.43
CA LEU A 819 -11.31 -2.04 -31.18
C LEU A 819 -12.84 -1.89 -31.20
N GLY A 820 -13.49 -2.88 -31.81
CA GLY A 820 -14.94 -2.93 -31.81
C GLY A 820 -15.50 -1.97 -32.82
N THR A 821 -14.79 -1.79 -33.93
CA THR A 821 -15.20 -0.83 -34.94
C THR A 821 -15.59 -1.46 -36.27
N GLU A 822 -16.57 -0.85 -36.93
CA GLU A 822 -16.79 -1.11 -38.35
C GLU A 822 -15.65 -0.41 -39.11
N GLU A 823 -15.46 -0.79 -40.37
CA GLU A 823 -14.33 -0.23 -41.14
C GLU A 823 -14.33 1.30 -41.25
N PRO A 824 -13.28 1.99 -40.74
CA PRO A 824 -13.23 3.42 -40.95
C PRO A 824 -12.64 3.70 -42.33
N SER A 825 -13.22 4.67 -43.04
CA SER A 825 -12.69 5.08 -44.32
C SER A 825 -12.57 6.59 -44.40
N ASN A 826 -11.82 7.08 -45.38
CA ASN A 826 -11.53 8.50 -45.57
C ASN A 826 -11.00 9.10 -44.29
N VAL A 827 -10.03 8.47 -43.62
CA VAL A 827 -9.47 9.01 -42.38
C VAL A 827 -8.76 10.33 -42.67
N THR A 828 -9.03 11.34 -41.85
CA THR A 828 -8.55 12.70 -42.01
C THR A 828 -8.03 13.20 -40.70
N VAL A 829 -6.94 13.97 -40.74
CA VAL A 829 -6.29 14.49 -39.52
C VAL A 829 -6.26 16.01 -39.57
N LYS A 830 -6.78 16.67 -38.55
CA LYS A 830 -6.69 18.12 -38.47
C LYS A 830 -5.90 18.58 -37.26
N HIS A 831 -5.06 19.60 -37.47
CA HIS A 831 -4.29 20.16 -36.40
C HIS A 831 -4.80 21.57 -36.16
N ASN A 832 -5.42 21.77 -35.01
CA ASN A 832 -6.13 23.01 -34.74
C ASN A 832 -6.95 23.46 -35.95
N GLY A 833 -7.84 22.56 -36.41
CA GLY A 833 -8.71 22.85 -37.54
C GLY A 833 -8.13 22.66 -38.92
N VAL A 834 -6.82 22.83 -39.07
CA VAL A 834 -6.20 22.75 -40.40
C VAL A 834 -5.91 21.30 -40.77
N PRO A 835 -6.41 20.83 -41.93
CA PRO A 835 -6.10 19.48 -42.41
C PRO A 835 -4.61 19.34 -42.57
N SER A 836 -4.06 18.22 -42.12
CA SER A 836 -2.62 18.07 -41.98
C SER A 836 -2.13 16.67 -42.33
N GLN A 837 -0.86 16.59 -42.72
CA GLN A 837 -0.13 15.33 -43.04
C GLN A 837 -0.90 14.29 -43.86
N THR A 838 -0.81 14.40 -45.18
CA THR A 838 -1.47 13.50 -46.13
C THR A 838 -2.76 12.90 -45.54
N SER A 839 -3.01 11.63 -45.80
CA SER A 839 -4.09 10.88 -45.16
C SER A 839 -3.42 9.60 -44.64
N PRO A 840 -3.71 9.21 -43.40
CA PRO A 840 -2.94 8.11 -42.84
C PRO A 840 -3.25 6.77 -43.52
N THR A 841 -2.45 5.76 -43.20
CA THR A 841 -2.70 4.40 -43.64
C THR A 841 -3.62 3.71 -42.65
N VAL A 842 -4.60 2.99 -43.17
CA VAL A 842 -5.55 2.25 -42.32
C VAL A 842 -5.59 0.79 -42.75
N THR A 843 -5.32 -0.10 -41.78
CA THR A 843 -5.46 -1.53 -41.95
C THR A 843 -6.72 -2.01 -41.17
N TYR A 844 -7.53 -2.86 -41.80
CA TYR A 844 -8.76 -3.31 -41.20
C TYR A 844 -8.89 -4.84 -41.25
N ASP A 845 -9.26 -5.40 -40.10
CA ASP A 845 -9.60 -6.79 -39.93
C ASP A 845 -11.11 -6.89 -39.70
N SER A 846 -11.84 -7.30 -40.73
CA SER A 846 -13.29 -7.32 -40.64
C SER A 846 -13.82 -8.45 -39.76
N ASN A 847 -13.04 -9.51 -39.59
CA ASN A 847 -13.39 -10.62 -38.71
C ASN A 847 -13.33 -10.25 -37.23
N LEU A 848 -12.33 -9.46 -36.85
CA LEU A 848 -12.12 -9.09 -35.46
C LEU A 848 -12.68 -7.71 -35.11
N LYS A 849 -13.07 -6.95 -36.15
CA LYS A 849 -13.51 -5.58 -36.05
C LYS A 849 -12.40 -4.68 -35.43
N VAL A 850 -11.18 -4.82 -35.96
CA VAL A 850 -10.01 -4.01 -35.49
C VAL A 850 -9.47 -3.19 -36.65
N ALA A 851 -9.34 -1.87 -36.41
CA ALA A 851 -8.66 -0.98 -37.35
C ALA A 851 -7.35 -0.53 -36.72
N ILE A 852 -6.29 -0.50 -37.53
CA ILE A 852 -5.05 0.16 -37.07
C ILE A 852 -4.68 1.30 -38.02
N ILE A 853 -4.52 2.49 -37.47
CA ILE A 853 -4.15 3.67 -38.24
C ILE A 853 -2.65 3.92 -38.04
N THR A 854 -1.91 4.00 -39.15
CA THR A 854 -0.47 4.26 -39.11
C THR A 854 -0.09 5.33 -40.13
N ASP A 855 1.22 5.62 -40.23
CA ASP A 855 1.71 6.72 -41.05
C ASP A 855 1.01 8.01 -40.56
N ILE A 856 1.00 8.17 -39.24
CA ILE A 856 0.37 9.29 -38.60
C ILE A 856 1.38 9.87 -37.61
N ASP A 857 1.28 11.15 -37.32
CA ASP A 857 2.26 11.75 -36.45
C ASP A 857 1.56 12.84 -35.65
N LEU A 858 0.97 12.49 -34.51
CA LEU A 858 0.26 13.48 -33.73
C LEU A 858 1.21 13.86 -32.61
N LEU A 859 1.74 15.06 -32.68
CA LEU A 859 2.75 15.49 -31.72
C LEU A 859 2.15 15.56 -30.34
N LEU A 860 2.87 15.02 -29.38
CA LEU A 860 2.49 15.10 -27.97
C LEU A 860 2.44 16.55 -27.54
N GLY A 861 1.32 16.92 -26.94
CA GLY A 861 1.14 18.28 -26.48
C GLY A 861 0.38 19.16 -27.45
N GLU A 862 0.01 18.60 -28.60
CA GLU A 862 -0.75 19.34 -29.60
C GLU A 862 -2.18 18.81 -29.74
N ALA A 863 -3.12 19.71 -30.01
CA ALA A 863 -4.52 19.36 -30.24
C ALA A 863 -4.76 18.84 -31.67
N TYR A 864 -5.50 17.74 -31.80
CA TYR A 864 -5.83 17.21 -33.12
C TYR A 864 -7.26 16.72 -33.10
N THR A 865 -7.84 16.65 -34.30
CA THR A 865 -9.10 15.97 -34.56
C THR A 865 -8.83 14.91 -35.64
N VAL A 866 -9.26 13.67 -35.42
CA VAL A 866 -9.09 12.63 -36.43
C VAL A 866 -10.50 12.17 -36.73
N GLU A 867 -10.86 12.14 -38.01
CA GLU A 867 -12.25 11.91 -38.41
C GLU A 867 -12.27 10.84 -39.48
N TRP A 868 -13.36 10.07 -39.53
CA TRP A 868 -13.52 9.02 -40.53
C TRP A 868 -15.00 8.81 -40.87
N ALA A 869 -15.26 8.11 -41.97
CA ALA A 869 -16.62 7.70 -42.34
C ALA A 869 -16.74 6.18 -42.23
N HIS A 870 -17.97 5.66 -42.30
CA HIS A 870 -18.16 4.21 -42.35
C HIS A 870 -18.79 3.77 -43.68
#